data_3K1S
#
_entry.id   3K1S
#
_cell.length_a   92.887
_cell.length_b   92.887
_cell.length_c   260.639
_cell.angle_alpha   90.00
_cell.angle_beta   90.00
_cell.angle_gamma   90.00
#
_symmetry.space_group_name_H-M   'P 43 21 2'
#
loop_
_entity.id
_entity.type
_entity.pdbx_description
1 polymer 'PTS system, cellobiose-specific IIA component'
2 non-polymer 'SODIUM ION'
3 non-polymer 'MAGNESIUM ION'
4 non-polymer 'CHLORIDE ION'
5 water water
#
_entity_poly.entity_id   1
_entity_poly.type   'polypeptide(L)'
_entity_poly.pdbx_seq_one_letter_code
;SNA(MSE)(MSE)TTAEQIPFQLILNSGNARSFA(MSE)EALQFAKQGK(MSE)AEADEA(MSE)VKAKEAINEAHHFQT
ELIQSEARGEKTEISVLLIHAQDHL(MSE)NAITVKELAAEFIDLYKKLEAKG
;
_entity_poly.pdbx_strand_id   A,B,C,D,E,F,G,H,I
#
loop_
_chem_comp.id
_chem_comp.type
_chem_comp.name
_chem_comp.formula
CL non-polymer 'CHLORIDE ION' 'Cl -1'
MG non-polymer 'MAGNESIUM ION' 'Mg 2'
NA non-polymer 'SODIUM ION' 'Na 1'
#
# COMPACT_ATOMS: atom_id res chain seq x y z
N SER A 1 -4.96 -29.40 15.04
CA SER A 1 -4.45 -29.41 16.45
C SER A 1 -3.55 -30.62 16.69
N ASN A 2 -2.90 -30.64 17.87
CA ASN A 2 -2.07 -31.78 18.26
C ASN A 2 -2.85 -33.09 18.42
N ALA A 3 -4.11 -33.00 18.85
CA ALA A 3 -4.95 -34.19 18.98
C ALA A 3 -5.35 -34.74 17.61
N MSE A 4 -5.75 -33.84 16.72
CA MSE A 4 -6.17 -34.24 15.37
C MSE A 4 -5.86 -33.16 14.34
O MSE A 4 -6.21 -31.99 14.52
CB MSE A 4 -7.68 -34.57 15.35
CG MSE A 4 -8.18 -35.22 14.06
SE MSE A 4 -7.40 -36.99 13.72
CE MSE A 4 -8.22 -37.36 11.98
N MSE A 5 -5.19 -33.56 13.26
CA MSE A 5 -4.98 -32.69 12.12
C MSE A 5 -5.85 -33.12 10.94
O MSE A 5 -5.76 -34.26 10.47
CB MSE A 5 -3.50 -32.64 11.71
CG MSE A 5 -3.24 -31.79 10.46
SE MSE A 5 -1.39 -31.83 9.82
CE MSE A 5 -1.71 -31.19 8.00
N THR A 6 -6.69 -32.21 10.48
CA THR A 6 -7.50 -32.42 9.28
C THR A 6 -6.66 -32.20 8.02
N THR A 7 -7.15 -32.67 6.88
CA THR A 7 -6.46 -32.51 5.60
C THR A 7 -6.24 -31.03 5.27
N ALA A 8 -7.30 -30.24 5.36
CA ALA A 8 -7.22 -28.79 5.14
C ALA A 8 -6.13 -28.15 6.00
N GLU A 9 -6.01 -28.63 7.24
CA GLU A 9 -5.02 -28.11 8.19
C GLU A 9 -3.58 -28.41 7.78
N GLN A 10 -3.42 -29.18 6.71
CA GLN A 10 -2.09 -29.49 6.16
C GLN A 10 -1.48 -28.30 5.41
N ILE A 11 -2.35 -27.45 4.86
CA ILE A 11 -1.91 -26.35 4.00
C ILE A 11 -0.95 -25.40 4.73
N PRO A 12 -1.33 -24.93 5.93
CA PRO A 12 -0.43 -24.03 6.65
C PRO A 12 0.99 -24.60 6.82
N PHE A 13 1.09 -25.88 7.22
CA PHE A 13 2.40 -26.54 7.38
C PHE A 13 3.23 -26.57 6.10
N GLN A 14 2.57 -26.84 4.96
CA GLN A 14 3.23 -26.89 3.67
C GLN A 14 3.72 -25.51 3.23
N LEU A 15 2.90 -24.49 3.48
CA LEU A 15 3.27 -23.12 3.16
C LEU A 15 4.47 -22.67 4.00
N ILE A 16 4.51 -23.06 5.26
CA ILE A 16 5.57 -22.68 6.18
C ILE A 16 6.88 -23.38 5.79
N LEU A 17 6.78 -24.66 5.47
CA LEU A 17 7.94 -25.43 5.03
C LEU A 17 8.63 -24.78 3.82
N ASN A 18 7.86 -24.59 2.74
CA ASN A 18 8.38 -24.07 1.47
C ASN A 18 8.80 -22.60 1.55
N SER A 19 7.92 -21.76 2.09
CA SER A 19 8.24 -20.35 2.36
C SER A 19 9.46 -20.19 3.25
N GLY A 20 9.56 -21.01 4.29
CA GLY A 20 10.70 -20.99 5.20
C GLY A 20 11.98 -21.31 4.47
N ASN A 21 11.95 -22.35 3.65
CA ASN A 21 13.09 -22.71 2.80
C ASN A 21 13.43 -21.62 1.77
N ALA A 22 12.40 -20.96 1.25
CA ALA A 22 12.61 -19.80 0.37
C ALA A 22 13.38 -18.69 1.10
N ARG A 23 12.91 -18.33 2.30
CA ARG A 23 13.57 -17.32 3.07
CA ARG A 23 13.58 -17.30 3.08
C ARG A 23 15.01 -17.74 3.41
N SER A 24 15.18 -18.98 3.80
CA SER A 24 16.51 -19.52 4.09
C SER A 24 17.47 -19.43 2.90
N PHE A 25 16.97 -19.75 1.70
CA PHE A 25 17.81 -19.66 0.49
C PHE A 25 18.22 -18.23 0.23
N ALA A 26 17.26 -17.30 0.37
CA ALA A 26 17.54 -15.89 0.16
C ALA A 26 18.59 -15.36 1.12
N MSE A 27 18.48 -15.71 2.40
CA MSE A 27 19.47 -15.25 3.40
C MSE A 27 20.84 -15.92 3.18
O MSE A 27 21.87 -15.28 3.34
CB MSE A 27 18.97 -15.49 4.83
CG MSE A 27 17.75 -14.65 5.23
SE MSE A 27 17.90 -12.71 4.94
CE MSE A 27 19.44 -12.33 6.09
N GLU A 28 20.83 -17.21 2.81
CA GLU A 28 22.06 -17.91 2.48
C GLU A 28 22.77 -17.20 1.31
N ALA A 29 21.98 -16.79 0.32
CA ALA A 29 22.48 -16.04 -0.83
C ALA A 29 23.04 -14.68 -0.42
N LEU A 30 22.32 -14.00 0.46
CA LEU A 30 22.76 -12.71 0.99
C LEU A 30 24.13 -12.90 1.65
N GLN A 31 24.22 -13.90 2.53
CA GLN A 31 25.48 -14.20 3.21
C GLN A 31 26.64 -14.55 2.25
N PHE A 32 26.34 -15.34 1.21
CA PHE A 32 27.34 -15.65 0.17
C PHE A 32 27.87 -14.37 -0.49
N ALA A 33 26.97 -13.52 -0.95
CA ALA A 33 27.33 -12.27 -1.62
C ALA A 33 28.21 -11.40 -0.73
N LYS A 34 27.87 -11.37 0.55
CA LYS A 34 28.62 -10.62 1.56
C LYS A 34 30.08 -11.09 1.63
N GLN A 35 30.31 -12.35 1.31
CA GLN A 35 31.65 -12.94 1.31
C GLN A 35 32.32 -12.85 -0.06
N GLY A 36 31.62 -12.25 -1.01
CA GLY A 36 32.12 -12.14 -2.38
C GLY A 36 31.92 -13.42 -3.17
N LYS A 37 31.12 -14.33 -2.63
CA LYS A 37 30.80 -15.59 -3.28
C LYS A 37 29.57 -15.41 -4.16
N MSE A 38 29.77 -14.74 -5.29
CA MSE A 38 28.68 -14.25 -6.13
C MSE A 38 27.93 -15.34 -6.89
O MSE A 38 26.70 -15.29 -7.02
CB MSE A 38 29.18 -13.15 -7.09
CG MSE A 38 29.74 -11.92 -6.38
SE MSE A 38 28.62 -11.24 -4.90
CE MSE A 38 29.75 -9.75 -4.35
N ALA A 39 28.67 -16.32 -7.39
CA ALA A 39 28.08 -17.45 -8.13
C ALA A 39 27.22 -18.32 -7.24
N GLU A 40 27.67 -18.52 -6.00
CA GLU A 40 26.91 -19.27 -4.99
C GLU A 40 25.67 -18.49 -4.57
N ALA A 41 25.79 -17.16 -4.50
CA ALA A 41 24.67 -16.28 -4.23
C ALA A 41 23.63 -16.34 -5.35
N ASP A 42 24.09 -16.16 -6.59
CA ASP A 42 23.19 -16.25 -7.74
C ASP A 42 22.40 -17.56 -7.75
N GLU A 43 23.08 -18.68 -7.50
CA GLU A 43 22.43 -19.99 -7.49
C GLU A 43 21.45 -20.19 -6.34
N ALA A 44 21.78 -19.65 -5.16
CA ALA A 44 20.87 -19.73 -4.02
C ALA A 44 19.59 -18.91 -4.24
N MSE A 45 19.72 -17.80 -4.97
CA MSE A 45 18.55 -16.99 -5.36
C MSE A 45 17.62 -17.76 -6.30
O MSE A 45 16.39 -17.67 -6.19
CB MSE A 45 18.99 -15.67 -6.00
CG MSE A 45 19.57 -14.68 -4.99
SE MSE A 45 18.26 -14.16 -3.60
CE MSE A 45 17.13 -13.03 -4.73
N VAL A 46 18.20 -18.54 -7.20
CA VAL A 46 17.43 -19.41 -8.08
C VAL A 46 16.61 -20.40 -7.25
N LYS A 47 17.24 -20.97 -6.23
CA LYS A 47 16.57 -21.94 -5.36
C LYS A 47 15.50 -21.27 -4.52
N ALA A 48 15.78 -20.04 -4.08
CA ALA A 48 14.78 -19.24 -3.38
C ALA A 48 13.53 -19.14 -4.24
N LYS A 49 13.71 -18.71 -5.49
CA LYS A 49 12.61 -18.56 -6.44
C LYS A 49 11.80 -19.84 -6.58
N GLU A 50 12.52 -20.95 -6.76
CA GLU A 50 11.89 -22.27 -6.92
CA GLU A 50 11.88 -22.27 -6.92
C GLU A 50 11.02 -22.62 -5.71
N ALA A 51 11.51 -22.31 -4.51
CA ALA A 51 10.79 -22.60 -3.27
C ALA A 51 9.52 -21.77 -3.12
N ILE A 52 9.59 -20.49 -3.52
CA ILE A 52 8.42 -19.63 -3.60
C ILE A 52 7.40 -20.19 -4.61
N ASN A 53 7.89 -20.73 -5.72
CA ASN A 53 7.00 -21.36 -6.69
C ASN A 53 6.20 -22.51 -6.06
N GLU A 54 6.89 -23.36 -5.30
CA GLU A 54 6.24 -24.49 -4.62
C GLU A 54 5.21 -24.03 -3.59
N ALA A 55 5.55 -22.98 -2.84
CA ALA A 55 4.62 -22.40 -1.89
C ALA A 55 3.43 -21.79 -2.64
N HIS A 56 3.70 -21.17 -3.78
CA HIS A 56 2.68 -20.51 -4.57
C HIS A 56 1.60 -21.49 -5.02
N HIS A 57 2.00 -22.71 -5.37
CA HIS A 57 1.04 -23.74 -5.75
C HIS A 57 -0.09 -23.92 -4.73
N PHE A 58 0.25 -23.91 -3.43
CA PHE A 58 -0.75 -24.04 -2.36
C PHE A 58 -1.60 -22.78 -2.26
N GLN A 59 -0.97 -21.62 -2.46
CA GLN A 59 -1.66 -20.34 -2.44
C GLN A 59 -2.84 -20.30 -3.43
N THR A 60 -2.55 -20.62 -4.69
CA THR A 60 -3.56 -20.57 -5.74
C THR A 60 -4.73 -21.50 -5.42
N GLU A 61 -4.42 -22.73 -5.03
CA GLU A 61 -5.44 -23.69 -4.62
C GLU A 61 -6.30 -23.17 -3.46
N LEU A 62 -5.67 -22.44 -2.55
CA LEU A 62 -6.33 -21.93 -1.36
C LEU A 62 -7.30 -20.82 -1.75
N ILE A 63 -6.81 -19.81 -2.44
CA ILE A 63 -7.64 -18.71 -2.93
C ILE A 63 -8.80 -19.23 -3.78
N GLN A 64 -8.51 -20.13 -4.72
CA GLN A 64 -9.54 -20.67 -5.61
C GLN A 64 -10.63 -21.44 -4.86
N SER A 65 -10.24 -22.25 -3.88
CA SER A 65 -11.19 -22.89 -2.96
C SER A 65 -12.25 -21.89 -2.50
N GLU A 66 -11.80 -20.77 -1.94
CA GLU A 66 -12.72 -19.70 -1.51
C GLU A 66 -13.58 -19.21 -2.64
N ALA A 67 -12.96 -18.95 -3.79
CA ALA A 67 -13.72 -18.52 -4.97
C ALA A 67 -14.87 -19.48 -5.24
N ARG A 68 -14.66 -20.77 -5.00
CA ARG A 68 -15.67 -21.80 -5.21
C ARG A 68 -16.75 -21.78 -4.14
N GLY A 69 -16.51 -21.02 -3.07
CA GLY A 69 -17.43 -20.96 -1.94
C GLY A 69 -17.11 -22.02 -0.91
N GLU A 70 -15.91 -22.59 -1.00
CA GLU A 70 -15.43 -23.53 0.00
C GLU A 70 -14.73 -22.76 1.12
N LYS A 71 -15.49 -22.44 2.15
CA LYS A 71 -15.01 -21.66 3.30
C LYS A 71 -13.85 -22.36 4.01
N THR A 72 -12.72 -21.65 4.09
CA THR A 72 -11.55 -22.13 4.81
C THR A 72 -11.66 -21.80 6.28
N GLU A 73 -11.17 -22.72 7.11
CA GLU A 73 -11.10 -22.50 8.55
C GLU A 73 -9.93 -21.57 8.84
N ILE A 74 -10.23 -20.40 9.41
CA ILE A 74 -9.20 -19.43 9.76
C ILE A 74 -8.62 -19.74 11.13
N SER A 75 -7.31 -19.86 11.19
CA SER A 75 -6.60 -20.17 12.43
C SER A 75 -5.35 -19.30 12.54
N VAL A 76 -4.79 -19.22 13.73
CA VAL A 76 -3.50 -18.54 13.92
C VAL A 76 -2.44 -19.11 12.95
N LEU A 77 -2.37 -20.43 12.84
CA LEU A 77 -1.34 -21.07 12.00
C LEU A 77 -1.50 -20.69 10.52
N LEU A 78 -2.73 -20.69 10.01
CA LEU A 78 -2.98 -20.27 8.63
C LEU A 78 -2.56 -18.81 8.40
N ILE A 79 -2.86 -17.93 9.36
CA ILE A 79 -2.48 -16.52 9.25
C ILE A 79 -0.96 -16.41 9.26
N HIS A 80 -0.34 -17.14 10.17
CA HIS A 80 1.12 -17.22 10.28
C HIS A 80 1.73 -17.75 8.98
N ALA A 81 1.13 -18.80 8.42
CA ALA A 81 1.57 -19.39 7.16
C ALA A 81 1.51 -18.36 6.03
N GLN A 82 0.42 -17.59 5.98
CA GLN A 82 0.30 -16.54 4.98
C GLN A 82 1.38 -15.48 5.17
N ASP A 83 1.65 -15.13 6.43
CA ASP A 83 2.69 -14.16 6.77
C ASP A 83 4.05 -14.64 6.27
N HIS A 84 4.36 -15.92 6.54
CA HIS A 84 5.62 -16.51 6.09
C HIS A 84 5.79 -16.48 4.57
N LEU A 85 4.72 -16.79 3.83
CA LEU A 85 4.78 -16.80 2.37
C LEU A 85 5.09 -15.41 1.84
N MSE A 86 4.30 -14.43 2.26
CA MSE A 86 4.51 -13.05 1.88
C MSE A 86 5.85 -12.48 2.37
O MSE A 86 6.48 -11.68 1.66
CB MSE A 86 3.34 -12.16 2.34
CG MSE A 86 2.04 -12.45 1.59
SE MSE A 86 2.17 -12.07 -0.34
CE MSE A 86 1.97 -10.13 -0.28
N ASN A 87 6.29 -12.92 3.55
CA ASN A 87 7.60 -12.55 4.07
C ASN A 87 8.78 -13.07 3.22
N ALA A 88 8.68 -14.34 2.81
CA ALA A 88 9.69 -14.96 1.94
C ALA A 88 9.85 -14.18 0.64
N ILE A 89 8.72 -13.79 0.05
CA ILE A 89 8.70 -13.00 -1.17
C ILE A 89 9.43 -11.66 -0.95
N THR A 90 9.13 -11.01 0.18
CA THR A 90 9.75 -9.73 0.51
C THR A 90 11.26 -9.88 0.74
N VAL A 91 11.64 -10.90 1.49
CA VAL A 91 13.05 -11.15 1.80
C VAL A 91 13.87 -11.47 0.54
N LYS A 92 13.32 -12.32 -0.33
CA LYS A 92 13.97 -12.63 -1.59
C LYS A 92 14.16 -11.36 -2.43
N GLU A 93 13.11 -10.56 -2.53
CA GLU A 93 13.14 -9.34 -3.34
C GLU A 93 14.20 -8.35 -2.84
N LEU A 94 14.34 -8.23 -1.53
CA LEU A 94 15.31 -7.30 -0.96
C LEU A 94 16.73 -7.87 -0.93
N ALA A 95 16.83 -9.18 -0.72
CA ALA A 95 18.12 -9.86 -0.73
C ALA A 95 18.78 -9.72 -2.10
N ALA A 96 17.98 -9.78 -3.17
CA ALA A 96 18.43 -9.46 -4.52
C ALA A 96 19.11 -8.10 -4.55
N GLU A 97 18.55 -7.16 -3.81
CA GLU A 97 19.05 -5.78 -3.76
C GLU A 97 20.30 -5.64 -2.91
N PHE A 98 20.39 -6.41 -1.83
CA PHE A 98 21.65 -6.48 -1.08
C PHE A 98 22.76 -7.07 -1.93
N ILE A 99 22.44 -8.12 -2.67
CA ILE A 99 23.40 -8.82 -3.51
C ILE A 99 23.96 -7.88 -4.59
N ASP A 100 23.07 -7.11 -5.23
CA ASP A 100 23.49 -6.16 -6.26
C ASP A 100 24.38 -5.08 -5.67
N LEU A 101 24.04 -4.64 -4.46
CA LEU A 101 24.81 -3.65 -3.77
C LEU A 101 26.21 -4.16 -3.41
N TYR A 102 26.31 -5.43 -3.03
CA TYR A 102 27.62 -6.03 -2.78
C TYR A 102 28.46 -6.20 -4.04
N LYS A 103 27.80 -6.46 -5.17
CA LYS A 103 28.49 -6.53 -6.46
C LYS A 103 29.05 -5.16 -6.87
N LYS A 104 28.29 -4.11 -6.60
CA LYS A 104 28.73 -2.75 -6.91
C LYS A 104 29.93 -2.35 -6.06
N LEU A 105 29.90 -2.72 -4.79
CA LEU A 105 30.98 -2.40 -3.86
C LEU A 105 32.29 -3.11 -4.21
N GLU A 106 32.18 -4.30 -4.78
CA GLU A 106 33.31 -5.00 -5.34
C GLU A 106 33.84 -4.33 -6.60
N ALA A 107 32.91 -3.86 -7.42
CA ALA A 107 33.24 -3.22 -8.70
C ALA A 107 34.07 -1.96 -8.50
N LYS A 108 33.95 -1.34 -7.33
CA LYS A 108 34.66 -0.08 -7.03
C LYS A 108 36.04 -0.32 -6.42
N GLY A 109 36.07 -0.88 -5.22
N GLY A 109 36.08 -0.84 -5.20
CA GLY A 109 37.33 -1.19 -4.52
CA GLY A 109 37.32 -1.05 -4.46
C GLY A 109 38.03 -2.40 -5.09
C GLY A 109 37.97 0.25 -4.03
N THR B 6 -21.82 -5.28 1.11
CA THR B 6 -20.89 -6.12 0.31
C THR B 6 -19.81 -5.26 -0.36
N THR B 7 -20.06 -3.96 -0.44
CA THR B 7 -19.04 -2.98 -0.88
C THR B 7 -17.78 -3.11 -0.03
N ALA B 8 -17.96 -3.44 1.25
CA ALA B 8 -16.85 -3.70 2.15
C ALA B 8 -16.02 -4.89 1.67
N GLU B 9 -16.68 -5.81 0.97
CA GLU B 9 -16.01 -6.99 0.44
C GLU B 9 -15.14 -6.68 -0.78
N GLN B 10 -15.18 -5.42 -1.21
CA GLN B 10 -14.24 -4.93 -2.22
C GLN B 10 -12.91 -4.54 -1.57
N ILE B 11 -12.87 -4.55 -0.24
CA ILE B 11 -11.68 -4.09 0.47
C ILE B 11 -10.42 -4.84 0.05
N PRO B 12 -10.46 -6.19 0.04
CA PRO B 12 -9.28 -6.95 -0.36
C PRO B 12 -8.74 -6.53 -1.74
N PHE B 13 -9.60 -6.45 -2.75
CA PHE B 13 -9.19 -6.03 -4.09
C PHE B 13 -8.50 -4.67 -4.09
N GLN B 14 -9.12 -3.69 -3.42
CA GLN B 14 -8.60 -2.33 -3.40
C GLN B 14 -7.28 -2.23 -2.63
N LEU B 15 -7.14 -3.09 -1.62
CA LEU B 15 -5.89 -3.19 -0.89
C LEU B 15 -4.76 -3.75 -1.74
N ILE B 16 -5.03 -4.85 -2.43
CA ILE B 16 -4.05 -5.52 -3.28
C ILE B 16 -3.61 -4.59 -4.41
N LEU B 17 -4.58 -4.01 -5.10
CA LEU B 17 -4.34 -3.10 -6.22
C LEU B 17 -3.42 -1.93 -5.83
N ASN B 18 -3.77 -1.21 -4.76
CA ASN B 18 -3.02 -0.03 -4.34
C ASN B 18 -1.65 -0.37 -3.75
N SER B 19 -1.60 -1.47 -3.00
CA SER B 19 -0.37 -1.91 -2.35
C SER B 19 0.66 -2.36 -3.38
N GLY B 20 0.19 -3.14 -4.36
CA GLY B 20 1.01 -3.58 -5.47
C GLY B 20 1.55 -2.39 -6.24
N ASN B 21 0.72 -1.35 -6.37
CA ASN B 21 1.11 -0.11 -7.04
C ASN B 21 2.20 0.60 -6.25
N ALA B 22 2.03 0.64 -4.94
CA ALA B 22 3.01 1.26 -4.05
C ALA B 22 4.33 0.50 -4.09
N ARG B 23 4.25 -0.81 -3.93
CA ARG B 23 5.42 -1.69 -3.99
C ARG B 23 6.18 -1.51 -5.30
N SER B 24 5.43 -1.49 -6.40
CA SER B 24 6.00 -1.30 -7.74
C SER B 24 6.76 0.03 -7.85
N PHE B 25 6.12 1.13 -7.45
CA PHE B 25 6.76 2.44 -7.45
C PHE B 25 8.07 2.42 -6.65
N ALA B 26 8.06 1.80 -5.47
CA ALA B 26 9.23 1.77 -4.59
C ALA B 26 10.41 1.02 -5.20
N MSE B 27 10.14 -0.11 -5.85
CA MSE B 27 11.18 -0.88 -6.52
C MSE B 27 11.70 -0.14 -7.76
O MSE B 27 12.90 -0.19 -8.06
CB MSE B 27 10.67 -2.27 -6.89
CG MSE B 27 10.38 -3.17 -5.70
SE MSE B 27 11.90 -3.31 -4.45
CE MSE B 27 13.15 -4.26 -5.61
N GLU B 28 10.79 0.54 -8.46
CA GLU B 28 11.20 1.36 -9.59
C GLU B 28 12.13 2.47 -9.12
N ALA B 29 11.81 3.05 -7.97
CA ALA B 29 12.65 4.08 -7.36
C ALA B 29 14.04 3.54 -7.08
N LEU B 30 14.09 2.33 -6.53
CA LEU B 30 15.35 1.68 -6.19
C LEU B 30 16.20 1.43 -7.43
N GLN B 31 15.57 1.02 -8.52
CA GLN B 31 16.30 0.78 -9.78
C GLN B 31 16.85 2.08 -10.38
N PHE B 32 16.05 3.14 -10.33
CA PHE B 32 16.49 4.45 -10.80
C PHE B 32 17.74 4.89 -10.04
N ALA B 33 17.69 4.78 -8.71
CA ALA B 33 18.80 5.17 -7.84
C ALA B 33 20.08 4.40 -8.18
N LYS B 34 19.90 3.11 -8.49
CA LYS B 34 20.98 2.22 -8.89
C LYS B 34 21.65 2.70 -10.18
N GLN B 35 20.83 3.25 -11.08
CA GLN B 35 21.30 3.76 -12.38
C GLN B 35 21.79 5.21 -12.28
N GLY B 36 21.72 5.79 -11.09
CA GLY B 36 22.18 7.15 -10.85
C GLY B 36 21.18 8.22 -11.27
N LYS B 37 19.94 7.81 -11.52
CA LYS B 37 18.87 8.75 -11.83
C LYS B 37 18.14 9.12 -10.54
N MSE B 38 18.71 10.08 -9.82
CA MSE B 38 18.22 10.42 -8.47
C MSE B 38 16.90 11.17 -8.48
O MSE B 38 16.05 10.94 -7.62
CB MSE B 38 19.29 11.16 -7.67
CG MSE B 38 20.55 10.34 -7.40
SE MSE B 38 20.17 8.52 -6.77
CE MSE B 38 21.96 7.75 -6.98
N ALA B 39 16.74 12.07 -9.45
CA ALA B 39 15.50 12.83 -9.60
C ALA B 39 14.34 11.88 -9.88
N GLU B 40 14.56 10.90 -10.76
CA GLU B 40 13.55 9.90 -11.09
C GLU B 40 13.25 9.00 -9.89
N ALA B 41 14.28 8.70 -9.11
CA ALA B 41 14.11 7.87 -7.91
C ALA B 41 13.24 8.59 -6.89
N ASP B 42 13.56 9.85 -6.61
CA ASP B 42 12.79 10.65 -5.65
C ASP B 42 11.32 10.76 -6.04
N GLU B 43 11.07 10.97 -7.33
N GLU B 43 11.05 10.93 -7.33
CA GLU B 43 9.73 11.08 -7.86
CA GLU B 43 9.67 11.10 -7.78
C GLU B 43 8.93 9.80 -7.62
C GLU B 43 8.86 9.80 -7.84
N ALA B 44 9.56 8.66 -7.91
CA ALA B 44 8.91 7.35 -7.76
C ALA B 44 8.51 7.12 -6.31
N MSE B 45 9.36 7.56 -5.38
CA MSE B 45 9.07 7.43 -3.96
C MSE B 45 7.89 8.32 -3.56
O MSE B 45 6.99 7.87 -2.85
CB MSE B 45 10.31 7.72 -3.11
CG MSE B 45 11.37 6.62 -3.17
SE MSE B 45 10.71 4.92 -2.45
CE MSE B 45 10.76 5.34 -0.54
N VAL B 46 7.90 9.56 -4.03
CA VAL B 46 6.73 10.43 -3.87
C VAL B 46 5.46 9.66 -4.28
N LYS B 47 5.49 9.05 -5.46
CA LYS B 47 4.34 8.32 -5.98
C LYS B 47 4.00 7.11 -5.14
N ALA B 48 5.03 6.42 -4.64
CA ALA B 48 4.83 5.29 -3.74
C ALA B 48 4.09 5.71 -2.47
N LYS B 49 4.49 6.87 -1.93
CA LYS B 49 3.87 7.39 -0.71
C LYS B 49 2.39 7.64 -0.96
N GLU B 50 2.06 8.24 -2.11
CA GLU B 50 0.67 8.44 -2.53
C GLU B 50 -0.11 7.13 -2.56
N ALA B 51 0.48 6.11 -3.18
CA ALA B 51 -0.17 4.81 -3.36
C ALA B 51 -0.45 4.12 -2.04
N ILE B 52 0.51 4.18 -1.13
CA ILE B 52 0.31 3.64 0.23
C ILE B 52 -0.76 4.42 1.00
N ASN B 53 -0.90 5.71 0.73
CA ASN B 53 -2.01 6.48 1.29
C ASN B 53 -3.36 5.97 0.83
N GLU B 54 -3.50 5.76 -0.48
CA GLU B 54 -4.70 5.18 -1.06
C GLU B 54 -5.05 3.84 -0.41
N ALA B 55 -4.05 2.98 -0.27
CA ALA B 55 -4.22 1.68 0.37
C ALA B 55 -4.65 1.79 1.84
N HIS B 56 -4.08 2.75 2.55
CA HIS B 56 -4.37 2.96 3.97
C HIS B 56 -5.81 3.35 4.25
N HIS B 57 -6.38 4.16 3.37
CA HIS B 57 -7.80 4.49 3.46
C HIS B 57 -8.63 3.23 3.69
N PHE B 58 -8.38 2.20 2.89
CA PHE B 58 -9.11 0.94 2.97
C PHE B 58 -8.79 0.14 4.23
N GLN B 59 -7.52 0.13 4.64
CA GLN B 59 -7.11 -0.54 5.87
C GLN B 59 -7.74 0.12 7.09
N THR B 60 -7.75 1.45 7.10
CA THR B 60 -8.33 2.19 8.21
C THR B 60 -9.81 1.86 8.37
N GLU B 61 -10.56 1.96 7.26
CA GLU B 61 -11.98 1.66 7.29
C GLU B 61 -12.19 0.22 7.78
N LEU B 62 -11.33 -0.69 7.34
CA LEU B 62 -11.37 -2.08 7.75
C LEU B 62 -11.22 -2.23 9.27
N ILE B 63 -10.19 -1.61 9.83
CA ILE B 63 -9.91 -1.68 11.27
C ILE B 63 -11.04 -1.01 12.07
N GLN B 64 -11.46 0.17 11.62
CA GLN B 64 -12.50 0.93 12.32
C GLN B 64 -13.85 0.23 12.28
N SER B 65 -14.14 -0.46 11.18
CA SER B 65 -15.32 -1.31 11.03
C SER B 65 -15.49 -2.27 12.20
N GLU B 66 -14.45 -3.08 12.44
CA GLU B 66 -14.40 -3.94 13.62
C GLU B 66 -14.53 -3.17 14.91
N ALA B 67 -13.68 -2.14 15.09
CA ALA B 67 -13.72 -1.32 16.30
C ALA B 67 -15.15 -0.87 16.56
N ARG B 68 -15.81 -0.43 15.50
CA ARG B 68 -17.17 0.10 15.53
C ARG B 68 -18.21 -0.93 15.98
N GLY B 69 -17.85 -2.21 15.87
CA GLY B 69 -18.73 -3.30 16.26
C GLY B 69 -19.38 -4.02 15.08
N GLU B 70 -18.99 -3.65 13.87
CA GLU B 70 -19.48 -4.32 12.68
C GLU B 70 -18.77 -5.66 12.51
N LYS B 71 -19.50 -6.66 12.05
CA LYS B 71 -18.93 -7.99 11.85
CA LYS B 71 -18.95 -8.00 11.84
C LYS B 71 -18.35 -8.13 10.45
N THR B 72 -17.12 -8.60 10.39
CA THR B 72 -16.42 -8.77 9.13
C THR B 72 -16.09 -10.25 8.92
N GLU B 73 -16.55 -10.77 7.78
CA GLU B 73 -16.32 -12.16 7.39
CA GLU B 73 -16.30 -12.16 7.41
C GLU B 73 -14.87 -12.34 6.94
N ILE B 74 -14.03 -12.89 7.82
CA ILE B 74 -12.60 -13.09 7.54
C ILE B 74 -12.37 -14.20 6.51
N SER B 75 -11.64 -13.85 5.45
CA SER B 75 -11.28 -14.81 4.41
C SER B 75 -9.78 -14.82 4.19
N VAL B 76 -9.29 -15.87 3.53
CA VAL B 76 -7.89 -15.95 3.12
C VAL B 76 -7.52 -14.72 2.29
N LEU B 77 -8.38 -14.38 1.33
CA LEU B 77 -8.15 -13.23 0.46
C LEU B 77 -7.90 -11.95 1.26
N LEU B 78 -8.72 -11.73 2.29
CA LEU B 78 -8.60 -10.54 3.12
C LEU B 78 -7.27 -10.53 3.87
N ILE B 79 -6.94 -11.64 4.49
CA ILE B 79 -5.67 -11.80 5.20
C ILE B 79 -4.53 -11.52 4.22
N HIS B 80 -4.63 -12.07 3.02
CA HIS B 80 -3.65 -11.89 1.94
C HIS B 80 -3.53 -10.42 1.53
N ALA B 81 -4.67 -9.74 1.44
CA ALA B 81 -4.72 -8.32 1.10
C ALA B 81 -3.97 -7.48 2.14
N GLN B 82 -4.20 -7.79 3.42
CA GLN B 82 -3.50 -7.12 4.52
C GLN B 82 -1.98 -7.39 4.50
N ASP B 83 -1.59 -8.56 4.01
CA ASP B 83 -0.17 -8.88 3.84
C ASP B 83 0.46 -8.02 2.75
N HIS B 84 -0.29 -7.79 1.67
CA HIS B 84 0.16 -6.92 0.57
C HIS B 84 0.51 -5.53 1.06
N LEU B 85 -0.43 -4.89 1.76
CA LEU B 85 -0.20 -3.55 2.27
C LEU B 85 1.02 -3.52 3.18
N MSE B 86 1.02 -4.38 4.20
CA MSE B 86 2.07 -4.38 5.21
C MSE B 86 3.46 -4.68 4.64
O MSE B 86 4.43 -4.05 5.06
CB MSE B 86 1.73 -5.34 6.35
CG MSE B 86 0.50 -4.89 7.14
SE MSE B 86 0.79 -3.23 8.14
CE MSE B 86 1.76 -3.97 9.67
N ASN B 87 3.53 -5.62 3.70
CA ASN B 87 4.77 -5.88 2.98
C ASN B 87 5.19 -4.73 2.07
N ALA B 88 4.20 -4.04 1.48
CA ALA B 88 4.47 -2.85 0.67
C ALA B 88 5.12 -1.75 1.51
N ILE B 89 4.58 -1.53 2.72
CA ILE B 89 5.13 -0.53 3.63
C ILE B 89 6.59 -0.89 3.95
N THR B 90 6.85 -2.18 4.15
CA THR B 90 8.17 -2.69 4.50
C THR B 90 9.15 -2.52 3.32
N VAL B 91 8.74 -2.94 2.13
CA VAL B 91 9.54 -2.73 0.93
C VAL B 91 9.87 -1.24 0.74
N LYS B 92 8.88 -0.38 0.88
CA LYS B 92 9.07 1.06 0.71
C LYS B 92 10.05 1.64 1.72
N GLU B 93 9.98 1.17 2.95
CA GLU B 93 10.83 1.70 4.02
C GLU B 93 12.31 1.33 3.80
N LEU B 94 12.55 0.11 3.34
CA LEU B 94 13.92 -0.37 3.10
C LEU B 94 14.46 0.07 1.74
N ALA B 95 13.57 0.24 0.77
CA ALA B 95 13.93 0.85 -0.51
C ALA B 95 14.51 2.25 -0.28
N ALA B 96 13.87 3.03 0.59
CA ALA B 96 14.36 4.37 0.93
C ALA B 96 15.80 4.32 1.45
N GLU B 97 16.12 3.24 2.16
CA GLU B 97 17.47 3.05 2.70
C GLU B 97 18.45 2.60 1.63
N PHE B 98 17.99 1.80 0.67
CA PHE B 98 18.82 1.47 -0.48
C PHE B 98 19.12 2.73 -1.30
N ILE B 99 18.09 3.52 -1.55
CA ILE B 99 18.24 4.80 -2.27
C ILE B 99 19.25 5.72 -1.56
N ASP B 100 19.09 5.86 -0.24
CA ASP B 100 19.97 6.71 0.54
C ASP B 100 21.42 6.23 0.47
N LEU B 101 21.61 4.92 0.48
CA LEU B 101 22.94 4.33 0.37
C LEU B 101 23.57 4.60 -1.00
N TYR B 102 22.78 4.48 -2.08
CA TYR B 102 23.31 4.76 -3.42
C TYR B 102 23.73 6.23 -3.56
N LYS B 103 22.96 7.13 -2.95
CA LYS B 103 23.30 8.55 -2.94
C LYS B 103 24.63 8.78 -2.23
N LYS B 104 24.81 8.12 -1.09
CA LYS B 104 26.08 8.16 -0.35
C LYS B 104 27.25 7.71 -1.22
N LEU B 105 27.03 6.66 -2.02
CA LEU B 105 28.10 6.06 -2.81
C LEU B 105 28.49 6.91 -4.02
N GLU B 106 27.53 7.64 -4.59
CA GLU B 106 27.82 8.61 -5.65
C GLU B 106 28.61 9.80 -5.12
N ALA B 107 28.42 10.13 -3.85
CA ALA B 107 29.15 11.21 -3.19
C ALA B 107 30.65 10.93 -3.17
N LYS B 108 31.01 9.65 -3.14
CA LYS B 108 32.41 9.22 -3.11
CA LYS B 108 32.41 9.24 -3.13
C LYS B 108 32.80 8.54 -4.43
N GLY B 109 34.01 8.85 -4.91
CA GLY B 109 34.54 8.25 -6.14
C GLY B 109 36.06 8.27 -6.19
N THR C 6 -12.99 -10.57 24.92
CA THR C 6 -11.94 -9.66 24.35
C THR C 6 -10.76 -9.46 25.30
N THR C 7 -10.87 -10.01 26.51
CA THR C 7 -9.76 -10.04 27.47
C THR C 7 -8.50 -10.63 26.83
N ALA C 8 -8.71 -11.51 25.86
CA ALA C 8 -7.64 -12.04 25.01
C ALA C 8 -7.40 -11.10 23.82
N GLU C 9 -8.38 -10.21 23.58
CA GLU C 9 -8.27 -9.21 22.52
C GLU C 9 -7.33 -8.06 22.91
N GLN C 10 -6.84 -8.09 24.14
CA GLN C 10 -5.77 -7.18 24.54
C GLN C 10 -4.44 -7.62 23.96
N ILE C 11 -4.33 -8.91 23.62
CA ILE C 11 -3.11 -9.48 23.06
C ILE C 11 -2.75 -8.82 21.71
N PRO C 12 -3.74 -8.64 20.81
CA PRO C 12 -3.46 -7.94 19.57
C PRO C 12 -2.88 -6.55 19.84
N PHE C 13 -3.51 -5.80 20.73
CA PHE C 13 -3.04 -4.46 21.09
C PHE C 13 -1.59 -4.50 21.59
N GLN C 14 -1.32 -5.44 22.49
CA GLN C 14 0.02 -5.64 23.03
C GLN C 14 1.04 -6.09 21.99
N LEU C 15 0.62 -6.95 21.06
CA LEU C 15 1.48 -7.35 19.95
C LEU C 15 1.83 -6.16 19.09
N ILE C 16 0.84 -5.35 18.75
CA ILE C 16 1.03 -4.17 17.89
C ILE C 16 2.00 -3.19 18.54
N LEU C 17 1.83 -2.93 19.83
CA LEU C 17 2.62 -1.93 20.54
C LEU C 17 4.09 -2.33 20.61
N ASN C 18 4.35 -3.56 21.05
CA ASN C 18 5.71 -4.07 21.17
C ASN C 18 6.43 -4.18 19.82
N SER C 19 5.72 -4.71 18.82
CA SER C 19 6.27 -4.87 17.47
C SER C 19 6.60 -3.52 16.84
N GLY C 20 5.66 -2.58 16.93
CA GLY C 20 5.85 -1.23 16.40
C GLY C 20 7.06 -0.55 17.02
N ASN C 21 7.18 -0.63 18.34
CA ASN C 21 8.33 -0.09 19.06
C ASN C 21 9.66 -0.78 18.68
N ALA C 22 9.62 -2.08 18.42
CA ALA C 22 10.81 -2.82 18.02
C ALA C 22 11.30 -2.36 16.66
N ARG C 23 10.35 -2.19 15.74
CA ARG C 23 10.60 -1.69 14.40
C ARG C 23 11.22 -0.30 14.44
N SER C 24 10.66 0.58 15.28
CA SER C 24 11.19 1.93 15.44
C SER C 24 12.62 1.86 15.94
N PHE C 25 12.84 1.05 16.97
CA PHE C 25 14.18 0.87 17.54
C PHE C 25 15.18 0.46 16.46
N ALA C 26 14.80 -0.53 15.65
CA ALA C 26 15.66 -1.06 14.60
C ALA C 26 16.01 0.01 13.56
N MSE C 27 15.02 0.82 13.19
CA MSE C 27 15.24 1.91 12.25
C MSE C 27 16.13 3.00 12.86
O MSE C 27 16.99 3.55 12.17
CB MSE C 27 13.90 2.49 11.78
CG MSE C 27 13.14 1.56 10.82
SE MSE C 27 14.27 0.89 9.35
CE MSE C 27 14.63 2.59 8.45
N GLU C 28 15.94 3.28 14.14
CA GLU C 28 16.84 4.15 14.89
C GLU C 28 18.29 3.68 14.74
N ALA C 29 18.49 2.37 14.90
CA ALA C 29 19.80 1.77 14.81
C ALA C 29 20.43 2.02 13.44
N LEU C 30 19.64 1.86 12.38
CA LEU C 30 20.12 2.08 11.02
C LEU C 30 20.57 3.54 10.82
N GLN C 31 19.77 4.48 11.31
CA GLN C 31 20.09 5.89 11.20
C GLN C 31 21.34 6.27 11.98
N PHE C 32 21.52 5.69 13.17
CA PHE C 32 22.75 5.90 13.93
C PHE C 32 23.98 5.44 13.15
N ALA C 33 23.96 4.18 12.71
CA ALA C 33 25.06 3.63 11.93
C ALA C 33 25.33 4.50 10.71
N LYS C 34 24.25 5.05 10.15
CA LYS C 34 24.33 5.93 8.99
C LYS C 34 25.15 7.17 9.32
N GLN C 35 25.08 7.59 10.59
CA GLN C 35 25.79 8.78 11.04
C GLN C 35 27.19 8.46 11.58
N GLY C 36 27.54 7.18 11.56
CA GLY C 36 28.81 6.71 12.11
C GLY C 36 28.78 6.46 13.61
N LYS C 37 27.59 6.53 14.21
CA LYS C 37 27.41 6.28 15.64
C LYS C 37 27.11 4.80 15.87
N MSE C 38 28.18 4.00 15.98
CA MSE C 38 28.04 2.54 16.06
C MSE C 38 27.63 2.04 17.44
O MSE C 38 26.93 1.04 17.56
CB MSE C 38 29.34 1.86 15.59
CG MSE C 38 29.68 2.14 14.13
SE MSE C 38 28.17 1.95 12.90
CE MSE C 38 29.05 2.52 11.26
N ALA C 39 28.08 2.73 18.49
CA ALA C 39 27.69 2.41 19.86
C ALA C 39 26.18 2.61 20.03
N GLU C 40 25.67 3.74 19.54
CA GLU C 40 24.25 4.07 19.62
C GLU C 40 23.42 3.10 18.79
N ALA C 41 23.93 2.76 17.60
CA ALA C 41 23.28 1.77 16.74
C ALA C 41 23.13 0.45 17.47
N ASP C 42 24.25 -0.09 17.94
CA ASP C 42 24.27 -1.37 18.66
C ASP C 42 23.32 -1.38 19.86
N GLU C 43 23.30 -0.28 20.60
CA GLU C 43 22.42 -0.12 21.75
C GLU C 43 20.95 -0.13 21.30
N ALA C 44 20.68 0.59 20.21
CA ALA C 44 19.35 0.63 19.61
C ALA C 44 18.87 -0.76 19.21
N MSE C 45 19.79 -1.62 18.77
CA MSE C 45 19.43 -2.99 18.38
C MSE C 45 19.12 -3.89 19.59
O MSE C 45 18.27 -4.78 19.50
CB MSE C 45 20.51 -3.61 17.49
CG MSE C 45 20.51 -3.08 16.05
SE MSE C 45 18.98 -3.69 14.96
CE MSE C 45 19.54 -5.54 14.70
N VAL C 46 19.82 -3.68 20.70
CA VAL C 46 19.49 -4.41 21.93
C VAL C 46 18.04 -4.12 22.32
N LYS C 47 17.65 -2.85 22.27
CA LYS C 47 16.29 -2.44 22.60
C LYS C 47 15.31 -3.08 21.63
N ALA C 48 15.64 -3.05 20.34
CA ALA C 48 14.84 -3.73 19.32
C ALA C 48 14.64 -5.20 19.65
N LYS C 49 15.73 -5.87 20.01
CA LYS C 49 15.67 -7.30 20.36
CA LYS C 49 15.72 -7.29 20.39
C LYS C 49 14.81 -7.54 21.61
N GLU C 50 14.95 -6.69 22.61
CA GLU C 50 14.15 -6.80 23.84
C GLU C 50 12.65 -6.66 23.54
N ALA C 51 12.30 -5.71 22.68
CA ALA C 51 10.91 -5.48 22.30
C ALA C 51 10.37 -6.59 21.38
N ILE C 52 11.19 -7.08 20.45
CA ILE C 52 10.80 -8.21 19.60
C ILE C 52 10.45 -9.42 20.46
N ASN C 53 11.28 -9.68 21.48
CA ASN C 53 11.06 -10.80 22.37
C ASN C 53 9.71 -10.73 23.10
N GLU C 54 9.33 -9.54 23.54
CA GLU C 54 8.04 -9.32 24.19
C GLU C 54 6.88 -9.73 23.28
N ALA C 55 6.89 -9.22 22.05
CA ALA C 55 5.85 -9.52 21.07
C ALA C 55 5.90 -10.99 20.67
N HIS C 56 7.10 -11.48 20.38
CA HIS C 56 7.34 -12.88 20.00
C HIS C 56 6.75 -13.83 21.05
N HIS C 57 6.90 -13.46 22.33
CA HIS C 57 6.35 -14.27 23.40
C HIS C 57 4.83 -14.38 23.29
N PHE C 58 4.16 -13.29 22.95
CA PHE C 58 2.71 -13.34 22.71
C PHE C 58 2.38 -14.31 21.59
N GLN C 59 3.14 -14.27 20.51
CA GLN C 59 2.85 -15.08 19.33
C GLN C 59 3.06 -16.57 19.55
N THR C 60 4.15 -16.93 20.23
CA THR C 60 4.42 -18.33 20.54
C THR C 60 3.24 -18.92 21.31
N GLU C 61 2.71 -18.17 22.28
CA GLU C 61 1.55 -18.59 23.06
C GLU C 61 0.26 -18.70 22.23
N LEU C 62 0.10 -17.81 21.26
CA LEU C 62 -1.03 -17.88 20.32
C LEU C 62 -1.01 -19.16 19.51
N ILE C 63 0.15 -19.46 18.91
CA ILE C 63 0.35 -20.67 18.12
C ILE C 63 0.25 -21.94 18.98
N GLN C 64 0.93 -21.93 20.13
CA GLN C 64 0.95 -23.12 20.99
C GLN C 64 -0.42 -23.42 21.61
N SER C 65 -1.11 -22.40 22.11
CA SER C 65 -2.45 -22.59 22.67
C SER C 65 -3.38 -23.24 21.65
N GLU C 66 -3.35 -22.76 20.41
CA GLU C 66 -4.16 -23.31 19.33
CA GLU C 66 -4.18 -23.33 19.35
C GLU C 66 -3.79 -24.77 19.03
N ALA C 67 -2.49 -25.08 19.03
CA ALA C 67 -2.04 -26.46 18.85
C ALA C 67 -2.63 -27.35 19.96
N ARG C 68 -2.81 -26.77 21.16
CA ARG C 68 -3.41 -27.49 22.29
C ARG C 68 -4.93 -27.69 22.15
N GLY C 69 -5.54 -27.03 21.17
CA GLY C 69 -6.98 -27.08 20.97
C GLY C 69 -7.72 -25.87 21.51
N GLU C 70 -6.97 -24.93 22.10
CA GLU C 70 -7.56 -23.71 22.64
C GLU C 70 -7.69 -22.65 21.54
N LYS C 71 -8.91 -22.51 21.02
CA LYS C 71 -9.18 -21.63 19.89
C LYS C 71 -9.10 -20.16 20.28
N THR C 72 -8.45 -19.37 19.44
CA THR C 72 -8.43 -17.91 19.57
C THR C 72 -9.48 -17.29 18.67
N GLU C 73 -10.12 -16.23 19.15
CA GLU C 73 -11.09 -15.47 18.36
C GLU C 73 -10.35 -14.69 17.29
N ILE C 74 -10.67 -14.97 16.03
CA ILE C 74 -10.01 -14.32 14.92
C ILE C 74 -10.67 -12.99 14.61
N SER C 75 -9.85 -11.95 14.54
CA SER C 75 -10.33 -10.62 14.22
C SER C 75 -9.35 -9.97 13.27
N VAL C 76 -9.78 -8.87 12.67
CA VAL C 76 -8.93 -8.06 11.82
C VAL C 76 -7.71 -7.57 12.60
N LEU C 77 -7.96 -7.09 13.83
CA LEU C 77 -6.89 -6.54 14.67
C LEU C 77 -5.83 -7.59 14.97
N LEU C 78 -6.26 -8.81 15.29
CA LEU C 78 -5.31 -9.91 15.49
C LEU C 78 -4.42 -10.12 14.26
N ILE C 79 -5.06 -10.27 13.11
CA ILE C 79 -4.35 -10.42 11.83
C ILE C 79 -3.36 -9.26 11.63
N HIS C 80 -3.85 -8.02 11.83
CA HIS C 80 -3.02 -6.81 11.81
C HIS C 80 -1.82 -6.93 12.77
N ALA C 81 -2.09 -7.42 13.98
CA ALA C 81 -1.05 -7.59 15.00
C ALA C 81 0.04 -8.55 14.56
N GLN C 82 -0.36 -9.65 13.92
CA GLN C 82 0.60 -10.63 13.42
C GLN C 82 1.45 -10.07 12.28
N ASP C 83 0.84 -9.22 11.45
CA ASP C 83 1.55 -8.54 10.35
C ASP C 83 2.63 -7.61 10.89
N HIS C 84 2.32 -6.91 11.97
CA HIS C 84 3.26 -6.00 12.62
C HIS C 84 4.51 -6.74 13.10
N LEU C 85 4.33 -7.90 13.70
CA LEU C 85 5.47 -8.70 14.16
C LEU C 85 6.31 -9.25 13.01
N MSE C 86 5.65 -9.92 12.05
CA MSE C 86 6.36 -10.51 10.92
C MSE C 86 7.23 -9.46 10.22
O MSE C 86 8.38 -9.71 9.92
CB MSE C 86 5.38 -11.14 9.93
CG MSE C 86 6.02 -11.89 8.77
SE MSE C 86 6.96 -13.53 9.29
CE MSE C 86 8.73 -12.77 9.64
N ASN C 87 6.66 -8.27 10.00
CA ASN C 87 7.40 -7.18 9.36
C ASN C 87 8.46 -6.53 10.27
N ALA C 88 8.17 -6.44 11.56
CA ALA C 88 9.16 -5.94 12.52
C ALA C 88 10.38 -6.85 12.56
N ILE C 89 10.15 -8.15 12.62
CA ILE C 89 11.25 -9.13 12.57
C ILE C 89 12.11 -8.94 11.32
N THR C 90 11.47 -8.81 10.16
CA THR C 90 12.22 -8.67 8.92
C THR C 90 12.96 -7.34 8.81
N VAL C 91 12.34 -6.28 9.31
CA VAL C 91 12.98 -4.96 9.31
C VAL C 91 14.22 -4.99 10.22
N LYS C 92 14.07 -5.51 11.43
CA LYS C 92 15.20 -5.70 12.33
C LYS C 92 16.33 -6.48 11.65
N GLU C 93 16.00 -7.59 11.02
CA GLU C 93 17.00 -8.45 10.39
C GLU C 93 17.76 -7.77 9.26
N LEU C 94 17.06 -7.02 8.44
CA LEU C 94 17.66 -6.34 7.30
C LEU C 94 18.29 -5.01 7.70
N ALA C 95 17.79 -4.39 8.76
CA ALA C 95 18.46 -3.23 9.33
C ALA C 95 19.86 -3.64 9.77
N ALA C 96 19.99 -4.86 10.28
CA ALA C 96 21.29 -5.40 10.70
C ALA C 96 22.24 -5.57 9.52
N GLU C 97 21.69 -5.97 8.37
CA GLU C 97 22.47 -6.03 7.14
C GLU C 97 22.93 -4.64 6.70
N PHE C 98 22.05 -3.64 6.85
CA PHE C 98 22.43 -2.25 6.55
C PHE C 98 23.51 -1.74 7.49
N ILE C 99 23.38 -2.03 8.78
CA ILE C 99 24.40 -1.63 9.75
C ILE C 99 25.77 -2.20 9.37
N ASP C 100 25.78 -3.48 8.97
CA ASP C 100 27.00 -4.13 8.47
C ASP C 100 27.58 -3.43 7.25
N LEU C 101 26.71 -3.07 6.29
CA LEU C 101 27.14 -2.34 5.10
C LEU C 101 27.82 -1.02 5.47
N TYR C 102 27.23 -0.30 6.42
CA TYR C 102 27.80 0.98 6.84
C TYR C 102 29.13 0.79 7.56
N LYS C 103 29.19 -0.17 8.48
CA LYS C 103 30.46 -0.52 9.13
C LYS C 103 31.52 -0.90 8.11
N LYS C 104 31.12 -1.64 7.08
CA LYS C 104 32.01 -2.03 6.00
C LYS C 104 32.63 -0.80 5.33
N LEU C 105 31.76 0.13 4.89
CA LEU C 105 32.19 1.35 4.22
C LEU C 105 33.13 2.21 5.08
N GLU C 106 32.88 2.25 6.39
CA GLU C 106 33.77 2.91 7.34
C GLU C 106 35.17 2.31 7.31
N ALA C 107 35.24 0.99 7.50
CA ALA C 107 36.50 0.26 7.63
C ALA C 107 37.45 0.47 6.44
N LYS C 108 36.90 0.48 5.23
CA LYS C 108 37.70 0.66 4.03
C LYS C 108 38.23 2.09 3.87
N GLY C 109 37.75 2.99 4.73
CA GLY C 109 38.14 4.40 4.70
C GLY C 109 37.10 5.28 5.37
N SER D 1 -8.16 11.96 -33.80
CA SER D 1 -8.70 12.90 -34.82
C SER D 1 -9.59 13.95 -34.17
N ASN D 2 -9.88 13.76 -32.94
CA ASN D 2 -10.79 14.62 -32.18
C ASN D 2 -10.54 16.11 -32.44
N ALA D 3 -11.62 16.89 -32.40
CA ALA D 3 -11.52 18.35 -32.40
C ALA D 3 -10.85 18.80 -31.10
N MSE D 4 -11.22 18.15 -30.00
CA MSE D 4 -10.61 18.37 -28.69
C MSE D 4 -10.55 17.06 -27.90
O MSE D 4 -11.57 16.38 -27.73
CB MSE D 4 -11.35 19.46 -27.89
CG MSE D 4 -10.75 19.78 -26.52
SE MSE D 4 -8.90 20.43 -26.58
CE MSE D 4 -8.33 19.99 -24.76
N MSE D 5 -9.37 16.71 -27.42
CA MSE D 5 -9.17 15.53 -26.59
C MSE D 5 -9.81 15.75 -25.23
O MSE D 5 -9.50 16.72 -24.53
CB MSE D 5 -7.67 15.22 -26.45
CG MSE D 5 -7.38 13.88 -25.77
SE MSE D 5 -5.55 13.73 -25.13
CE MSE D 5 -4.61 13.75 -26.85
N THR D 6 -10.70 14.84 -24.84
CA THR D 6 -11.37 14.90 -23.56
C THR D 6 -10.42 14.48 -22.44
N THR D 7 -10.50 15.19 -21.31
CA THR D 7 -9.66 14.87 -20.15
C THR D 7 -10.43 14.00 -19.15
N ALA D 8 -9.85 12.85 -18.77
CA ALA D 8 -8.53 12.42 -19.22
C ALA D 8 -8.58 11.27 -20.23
N GLU D 9 -9.07 11.57 -21.43
CA GLU D 9 -8.96 10.66 -22.58
C GLU D 9 -7.47 10.45 -22.86
N GLN D 10 -6.65 10.98 -21.96
CA GLN D 10 -5.20 10.96 -22.08
C GLN D 10 -4.60 9.59 -21.73
N ILE D 11 -5.15 8.96 -20.68
CA ILE D 11 -4.66 7.66 -20.23
C ILE D 11 -4.66 6.61 -21.35
N PRO D 12 -5.76 6.53 -22.12
CA PRO D 12 -5.81 5.59 -23.24
C PRO D 12 -4.60 5.73 -24.19
N PHE D 13 -4.26 6.97 -24.56
CA PHE D 13 -3.07 7.20 -25.39
C PHE D 13 -1.79 6.78 -24.65
N GLN D 14 -1.72 7.05 -23.35
CA GLN D 14 -0.56 6.69 -22.54
C GLN D 14 -0.40 5.18 -22.47
N LEU D 15 -1.53 4.49 -22.29
CA LEU D 15 -1.55 3.02 -22.26
C LEU D 15 -1.12 2.40 -23.59
N ILE D 16 -1.58 2.98 -24.69
CA ILE D 16 -1.28 2.46 -26.03
C ILE D 16 0.21 2.59 -26.31
N LEU D 17 0.78 3.75 -25.96
CA LEU D 17 2.20 4.02 -26.11
C LEU D 17 3.06 3.03 -25.31
N ASN D 18 2.80 2.94 -24.00
CA ASN D 18 3.61 2.09 -23.11
C ASN D 18 3.43 0.60 -23.34
N SER D 19 2.23 0.21 -23.76
CA SER D 19 1.94 -1.18 -24.09
C SER D 19 2.61 -1.58 -25.39
N GLY D 20 2.56 -0.68 -26.38
CA GLY D 20 3.19 -0.93 -27.67
C GLY D 20 4.66 -1.21 -27.49
N ASN D 21 5.32 -0.35 -26.73
CA ASN D 21 6.74 -0.50 -26.43
C ASN D 21 7.07 -1.78 -25.67
N ALA D 22 6.26 -2.10 -24.66
CA ALA D 22 6.40 -3.36 -23.92
C ALA D 22 6.32 -4.53 -24.89
N ARG D 23 5.35 -4.49 -25.79
CA ARG D 23 5.19 -5.55 -26.78
C ARG D 23 6.39 -5.63 -27.73
N SER D 24 6.88 -4.48 -28.18
CA SER D 24 8.03 -4.44 -29.08
C SER D 24 9.30 -4.98 -28.40
N PHE D 25 9.50 -4.62 -27.13
CA PHE D 25 10.61 -5.13 -26.35
C PHE D 25 10.58 -6.66 -26.25
N ALA D 26 9.42 -7.21 -25.98
CA ALA D 26 9.27 -8.66 -25.82
C ALA D 26 9.52 -9.38 -27.14
N MSE D 27 9.00 -8.81 -28.23
CA MSE D 27 9.17 -9.37 -29.56
C MSE D 27 10.62 -9.25 -30.03
O MSE D 27 11.13 -10.15 -30.69
CB MSE D 27 8.20 -8.74 -30.57
CG MSE D 27 6.74 -9.18 -30.40
SE MSE D 27 6.43 -11.13 -30.31
CE MSE D 27 6.94 -11.61 -32.13
N GLU D 28 11.26 -8.14 -29.68
CA GLU D 28 12.69 -7.95 -29.94
C GLU D 28 13.49 -9.02 -29.18
N ALA D 29 13.18 -9.20 -27.89
CA ALA D 29 13.81 -10.23 -27.07
C ALA D 29 13.67 -11.62 -27.69
N LEU D 30 12.47 -11.94 -28.15
CA LEU D 30 12.22 -13.23 -28.76
C LEU D 30 13.06 -13.41 -30.04
N GLN D 31 13.14 -12.37 -30.85
CA GLN D 31 13.96 -12.42 -32.06
C GLN D 31 15.46 -12.57 -31.74
N PHE D 32 15.92 -11.88 -30.70
CA PHE D 32 17.29 -12.05 -30.21
C PHE D 32 17.56 -13.52 -29.82
N ALA D 33 16.62 -14.11 -29.08
CA ALA D 33 16.73 -15.51 -28.64
C ALA D 33 16.85 -16.49 -29.80
N LYS D 34 16.07 -16.26 -30.87
CA LYS D 34 16.14 -17.10 -32.08
C LYS D 34 17.52 -17.08 -32.74
N GLN D 35 18.25 -15.99 -32.54
CA GLN D 35 19.59 -15.86 -33.13
C GLN D 35 20.68 -16.26 -32.13
N GLY D 36 20.26 -16.67 -30.94
CA GLY D 36 21.18 -17.13 -29.90
C GLY D 36 21.83 -16.00 -29.13
N LYS D 37 21.28 -14.80 -29.30
CA LYS D 37 21.75 -13.63 -28.57
C LYS D 37 21.00 -13.53 -27.24
N MSE D 38 21.33 -14.44 -26.34
CA MSE D 38 20.60 -14.59 -25.08
C MSE D 38 20.78 -13.39 -24.15
O MSE D 38 19.79 -12.88 -23.61
CB MSE D 38 21.00 -15.90 -24.39
CG MSE D 38 20.79 -17.13 -25.26
SE MSE D 38 19.00 -17.20 -26.06
CE MSE D 38 19.14 -18.95 -26.91
N ALA D 39 22.01 -12.94 -24.00
CA ALA D 39 22.29 -11.76 -23.18
C ALA D 39 21.37 -10.61 -23.59
N GLU D 40 21.25 -10.39 -24.90
CA GLU D 40 20.40 -9.34 -25.44
C GLU D 40 18.91 -9.62 -25.24
N ALA D 41 18.52 -10.89 -25.37
CA ALA D 41 17.14 -11.30 -25.13
C ALA D 41 16.74 -11.02 -23.69
N ASP D 42 17.61 -11.38 -22.74
CA ASP D 42 17.36 -11.14 -21.32
C ASP D 42 17.17 -9.65 -21.03
N GLU D 43 18.02 -8.83 -21.63
CA GLU D 43 18.01 -7.38 -21.43
C GLU D 43 16.70 -6.77 -21.91
N ALA D 44 16.29 -7.14 -23.12
CA ALA D 44 15.05 -6.65 -23.70
C ALA D 44 13.83 -7.04 -22.86
N MSE D 45 13.86 -8.25 -22.29
CA MSE D 45 12.79 -8.69 -21.39
C MSE D 45 12.70 -7.81 -20.15
O MSE D 45 11.60 -7.51 -19.67
CB MSE D 45 12.99 -10.17 -21.00
CG MSE D 45 12.58 -11.17 -22.09
SE MSE D 45 10.73 -10.98 -22.73
CE MSE D 45 9.80 -11.13 -21.01
N VAL D 46 13.85 -7.39 -19.62
CA VAL D 46 13.87 -6.49 -18.48
C VAL D 46 13.16 -5.19 -18.87
N LYS D 47 13.46 -4.71 -20.07
CA LYS D 47 12.86 -3.50 -20.58
C LYS D 47 11.36 -3.64 -20.86
N ALA D 48 10.93 -4.81 -21.33
CA ALA D 48 9.51 -5.11 -21.51
C ALA D 48 8.76 -5.08 -20.19
N LYS D 49 9.36 -5.72 -19.18
CA LYS D 49 8.83 -5.71 -17.82
C LYS D 49 8.65 -4.28 -17.35
N GLU D 50 9.65 -3.44 -17.61
CA GLU D 50 9.64 -2.04 -17.16
C GLU D 50 8.53 -1.24 -17.83
N ALA D 51 8.32 -1.49 -19.12
CA ALA D 51 7.26 -0.81 -19.87
C ALA D 51 5.86 -1.26 -19.39
N ILE D 52 5.74 -2.54 -19.06
CA ILE D 52 4.48 -3.06 -18.52
C ILE D 52 4.15 -2.43 -17.17
N ASN D 53 5.16 -2.34 -16.29
CA ASN D 53 5.00 -1.64 -15.01
C ASN D 53 4.51 -0.21 -15.18
N GLU D 54 5.07 0.51 -16.16
CA GLU D 54 4.64 1.86 -16.48
C GLU D 54 3.19 1.89 -16.95
N ALA D 55 2.84 0.97 -17.86
CA ALA D 55 1.46 0.84 -18.33
C ALA D 55 0.52 0.52 -17.17
N HIS D 56 0.95 -0.41 -16.31
CA HIS D 56 0.19 -0.78 -15.11
C HIS D 56 -0.17 0.43 -14.23
N HIS D 57 0.74 1.39 -14.13
CA HIS D 57 0.49 2.57 -13.31
C HIS D 57 -0.74 3.33 -13.82
N PHE D 58 -0.88 3.39 -15.14
CA PHE D 58 -2.04 4.03 -15.78
C PHE D 58 -3.34 3.25 -15.55
N GLN D 59 -3.26 1.93 -15.68
CA GLN D 59 -4.41 1.05 -15.47
CA GLN D 59 -4.40 1.04 -15.46
C GLN D 59 -4.97 1.22 -14.06
N THR D 60 -4.08 1.22 -13.08
CA THR D 60 -4.46 1.35 -11.69
C THR D 60 -5.16 2.69 -11.47
N GLU D 61 -4.60 3.74 -12.06
CA GLU D 61 -5.20 5.07 -11.93
C GLU D 61 -6.66 5.04 -12.37
N LEU D 62 -6.92 4.44 -13.53
CA LEU D 62 -8.29 4.29 -14.04
C LEU D 62 -9.17 3.55 -13.04
N ILE D 63 -8.70 2.37 -12.63
CA ILE D 63 -9.48 1.54 -11.71
C ILE D 63 -9.73 2.23 -10.37
N GLN D 64 -8.70 2.91 -9.84
CA GLN D 64 -8.84 3.61 -8.57
C GLN D 64 -9.84 4.76 -8.65
N SER D 65 -9.82 5.50 -9.76
CA SER D 65 -10.74 6.62 -9.97
C SER D 65 -12.20 6.18 -10.00
N GLU D 66 -12.43 4.97 -10.53
CA GLU D 66 -13.78 4.38 -10.54
C GLU D 66 -14.17 3.89 -9.16
N ALA D 67 -13.16 3.43 -8.41
CA ALA D 67 -13.37 2.91 -7.06
C ALA D 67 -13.87 3.98 -6.09
N ARG D 68 -13.38 5.21 -6.26
CA ARG D 68 -13.79 6.33 -5.42
C ARG D 68 -15.23 6.73 -5.69
N GLY D 69 -15.59 6.80 -6.96
CA GLY D 69 -16.93 7.21 -7.39
C GLY D 69 -16.86 8.06 -8.65
N GLU D 70 -15.66 8.19 -9.21
CA GLU D 70 -15.46 8.91 -10.46
C GLU D 70 -15.89 8.03 -11.63
N LYS D 71 -17.06 8.32 -12.18
CA LYS D 71 -17.59 7.56 -13.32
C LYS D 71 -16.79 7.91 -14.57
N THR D 72 -16.05 6.92 -15.08
CA THR D 72 -15.16 7.12 -16.22
C THR D 72 -15.92 7.11 -17.54
N GLU D 73 -15.42 7.91 -18.49
CA GLU D 73 -16.00 7.98 -19.82
CA GLU D 73 -16.00 8.00 -19.83
C GLU D 73 -15.52 6.81 -20.67
N ILE D 74 -16.46 5.98 -21.11
CA ILE D 74 -16.11 4.80 -21.88
C ILE D 74 -16.07 5.11 -23.37
N SER D 75 -14.89 4.95 -23.95
CA SER D 75 -14.71 5.15 -25.38
C SER D 75 -14.17 3.86 -25.97
N VAL D 76 -14.27 3.73 -27.29
CA VAL D 76 -13.70 2.60 -28.01
C VAL D 76 -12.18 2.56 -27.82
N LEU D 77 -11.56 3.75 -27.83
CA LEU D 77 -10.12 3.85 -27.65
C LEU D 77 -9.70 3.38 -26.26
N LEU D 78 -10.50 3.68 -25.24
CA LEU D 78 -10.23 3.16 -23.89
C LEU D 78 -10.27 1.62 -23.88
N ILE D 79 -11.32 1.04 -24.46
CA ILE D 79 -11.46 -0.42 -24.56
C ILE D 79 -10.28 -1.03 -25.34
N HIS D 80 -9.91 -0.37 -26.43
CA HIS D 80 -8.80 -0.76 -27.27
C HIS D 80 -7.45 -0.64 -26.53
N ALA D 81 -7.24 0.47 -25.83
CA ALA D 81 -6.05 0.65 -25.03
C ALA D 81 -5.92 -0.47 -24.00
N GLN D 82 -7.03 -0.81 -23.34
CA GLN D 82 -7.02 -1.91 -22.37
C GLN D 82 -6.76 -3.25 -23.05
N ASP D 83 -7.26 -3.41 -24.26
CA ASP D 83 -6.93 -4.57 -25.09
C ASP D 83 -5.44 -4.63 -25.41
N HIS D 84 -4.86 -3.49 -25.77
CA HIS D 84 -3.43 -3.47 -26.11
C HIS D 84 -2.55 -3.83 -24.92
N LEU D 85 -2.93 -3.37 -23.73
CA LEU D 85 -2.17 -3.72 -22.52
C LEU D 85 -2.23 -5.21 -22.19
N MSE D 86 -3.40 -5.83 -22.41
CA MSE D 86 -3.58 -7.25 -22.11
C MSE D 86 -2.74 -8.12 -23.04
O MSE D 86 -2.15 -9.11 -22.61
CB MSE D 86 -5.05 -7.65 -22.19
CG MSE D 86 -5.36 -9.08 -21.73
SE MSE D 86 -5.20 -9.36 -19.80
CE MSE D 86 -3.39 -10.09 -19.70
N ASN D 87 -2.70 -7.74 -24.32
CA ASN D 87 -1.91 -8.39 -25.36
C ASN D 87 -0.41 -8.30 -25.09
N ALA D 88 0.04 -7.12 -24.67
CA ALA D 88 1.44 -6.87 -24.33
C ALA D 88 1.87 -7.74 -23.16
N ILE D 89 1.03 -7.79 -22.12
CA ILE D 89 1.32 -8.60 -20.94
C ILE D 89 1.45 -10.08 -21.32
N THR D 90 0.52 -10.55 -22.14
CA THR D 90 0.46 -11.96 -22.50
C THR D 90 1.61 -12.32 -23.42
N VAL D 91 1.90 -11.43 -24.37
CA VAL D 91 3.00 -11.61 -25.30
C VAL D 91 4.34 -11.65 -24.55
N LYS D 92 4.52 -10.74 -23.59
CA LYS D 92 5.72 -10.73 -22.77
C LYS D 92 5.89 -12.03 -22.00
N GLU D 93 4.83 -12.46 -21.30
CA GLU D 93 4.92 -13.64 -20.44
C GLU D 93 5.17 -14.92 -21.23
N LEU D 94 4.60 -15.01 -22.43
CA LEU D 94 4.74 -16.20 -23.27
C LEU D 94 5.98 -16.11 -24.16
N ALA D 95 6.45 -14.88 -24.40
CA ALA D 95 7.74 -14.66 -25.02
C ALA D 95 8.84 -15.27 -24.14
N ALA D 96 8.72 -15.06 -22.84
CA ALA D 96 9.63 -15.63 -21.85
C ALA D 96 9.70 -17.15 -21.97
N GLU D 97 8.54 -17.78 -22.11
CA GLU D 97 8.46 -19.24 -22.25
C GLU D 97 9.14 -19.70 -23.54
N PHE D 98 8.96 -18.94 -24.62
CA PHE D 98 9.63 -19.24 -25.88
C PHE D 98 11.14 -19.14 -25.74
N ILE D 99 11.60 -18.07 -25.10
CA ILE D 99 13.04 -17.88 -24.89
C ILE D 99 13.63 -19.05 -24.11
N ASP D 100 12.95 -19.47 -23.04
CA ASP D 100 13.32 -20.66 -22.27
C ASP D 100 13.48 -21.90 -23.14
N LEU D 101 12.57 -22.08 -24.09
CA LEU D 101 12.65 -23.18 -25.04
C LEU D 101 13.89 -23.09 -25.93
N TYR D 102 14.14 -21.90 -26.47
CA TYR D 102 15.32 -21.67 -27.29
C TYR D 102 16.61 -21.89 -26.51
N LYS D 103 16.64 -21.43 -25.26
CA LYS D 103 17.77 -21.66 -24.37
C LYS D 103 17.96 -23.16 -24.15
N LYS D 104 16.86 -23.87 -23.95
CA LYS D 104 16.87 -25.31 -23.71
C LYS D 104 17.36 -26.05 -24.94
N LEU D 105 16.90 -25.63 -26.12
CA LEU D 105 17.29 -26.28 -27.38
C LEU D 105 18.79 -26.11 -27.68
N GLU D 106 19.32 -24.94 -27.38
CA GLU D 106 20.75 -24.65 -27.56
CA GLU D 106 20.75 -24.65 -27.57
C GLU D 106 21.61 -25.41 -26.56
N ALA D 107 21.05 -25.67 -25.38
CA ALA D 107 21.75 -26.40 -24.32
C ALA D 107 21.84 -27.89 -24.63
N LYS D 108 21.05 -28.34 -25.61
CA LYS D 108 21.12 -29.72 -26.10
C LYS D 108 22.21 -29.86 -27.17
N GLY D 109 22.40 -28.80 -27.95
CA GLY D 109 23.41 -28.77 -29.02
C GLY D 109 23.32 -27.51 -29.84
N MSE E 4 -19.94 -3.70 -4.47
CA MSE E 4 -20.30 -5.08 -4.65
C MSE E 4 -21.61 -5.35 -3.92
O MSE E 4 -21.61 -6.05 -2.92
CB MSE E 4 -19.21 -5.96 -4.11
CG MSE E 4 -18.94 -7.19 -4.95
SE MSE E 4 -17.53 -8.33 -4.29
CE MSE E 4 -16.08 -7.09 -4.23
N MSE E 5 -22.70 -4.78 -4.42
CA MSE E 5 -24.02 -4.97 -3.83
C MSE E 5 -24.87 -5.91 -4.68
O MSE E 5 -25.25 -6.99 -4.25
CB MSE E 5 -24.76 -3.63 -3.74
CG MSE E 5 -23.92 -2.49 -3.22
SE MSE E 5 -24.10 -0.87 -4.29
CE MSE E 5 -22.93 0.28 -3.28
N THR E 6 -25.15 -5.50 -5.91
CA THR E 6 -25.91 -6.33 -6.83
C THR E 6 -25.05 -7.48 -7.29
N THR E 7 -25.64 -8.64 -7.52
CA THR E 7 -24.85 -9.76 -7.97
C THR E 7 -24.25 -9.41 -9.31
N ALA E 8 -24.86 -8.45 -9.99
CA ALA E 8 -24.31 -7.91 -11.23
C ALA E 8 -23.04 -7.10 -10.98
N GLU E 9 -23.06 -6.25 -9.95
CA GLU E 9 -21.92 -5.41 -9.61
C GLU E 9 -20.70 -6.22 -9.21
N GLN E 10 -20.94 -7.44 -8.71
CA GLN E 10 -19.88 -8.31 -8.23
C GLN E 10 -19.29 -9.18 -9.34
N ILE E 11 -19.90 -9.17 -10.51
CA ILE E 11 -19.44 -9.98 -11.63
C ILE E 11 -17.97 -9.69 -12.00
N PRO E 12 -17.60 -8.40 -12.15
CA PRO E 12 -16.22 -8.10 -12.49
C PRO E 12 -15.25 -8.73 -11.49
N PHE E 13 -15.57 -8.63 -10.20
CA PHE E 13 -14.67 -9.13 -9.13
C PHE E 13 -14.48 -10.64 -9.17
N GLN E 14 -15.57 -11.38 -9.40
CA GLN E 14 -15.49 -12.83 -9.49
CA GLN E 14 -15.52 -12.83 -9.50
C GLN E 14 -14.78 -13.26 -10.77
N LEU E 15 -15.01 -12.53 -11.86
CA LEU E 15 -14.31 -12.80 -13.11
C LEU E 15 -12.81 -12.68 -12.91
N ILE E 16 -12.38 -11.56 -12.35
CA ILE E 16 -10.96 -11.27 -12.14
C ILE E 16 -10.29 -12.31 -11.22
N LEU E 17 -10.96 -12.65 -10.13
CA LEU E 17 -10.44 -13.63 -9.17
C LEU E 17 -10.24 -15.01 -9.82
N ASN E 18 -11.32 -15.56 -10.38
CA ASN E 18 -11.28 -16.88 -11.03
C ASN E 18 -10.32 -16.94 -12.23
N SER E 19 -10.39 -15.94 -13.10
CA SER E 19 -9.51 -15.88 -14.27
C SER E 19 -8.04 -15.82 -13.86
N GLY E 20 -7.74 -14.96 -12.88
CA GLY E 20 -6.38 -14.81 -12.37
C GLY E 20 -5.78 -16.11 -11.87
N ASN E 21 -6.59 -16.89 -11.17
CA ASN E 21 -6.18 -18.20 -10.70
C ASN E 21 -6.02 -19.19 -11.86
N ALA E 22 -6.91 -19.10 -12.85
CA ALA E 22 -6.85 -19.98 -14.01
C ALA E 22 -5.53 -19.75 -14.75
N ARG E 23 -5.18 -18.48 -14.95
CA ARG E 23 -3.89 -18.13 -15.54
C ARG E 23 -2.74 -18.65 -14.69
N SER E 24 -2.82 -18.49 -13.38
CA SER E 24 -1.77 -18.99 -12.48
C SER E 24 -1.64 -20.50 -12.60
N PHE E 25 -2.77 -21.20 -12.54
CA PHE E 25 -2.76 -22.65 -12.69
C PHE E 25 -2.03 -23.09 -13.96
N ALA E 26 -2.30 -22.41 -15.08
CA ALA E 26 -1.70 -22.74 -16.36
C ALA E 26 -0.21 -22.43 -16.36
N MSE E 27 0.16 -21.27 -15.83
CA MSE E 27 1.56 -20.88 -15.77
C MSE E 27 2.33 -21.82 -14.84
O MSE E 27 3.49 -22.16 -15.11
CB MSE E 27 1.71 -19.41 -15.33
CG MSE E 27 1.17 -18.39 -16.33
SE MSE E 27 1.92 -18.58 -18.15
CE MSE E 27 3.78 -18.15 -17.75
N GLU E 28 1.69 -22.23 -13.74
CA GLU E 28 2.25 -23.24 -12.86
C GLU E 28 2.42 -24.55 -13.62
N ALA E 29 1.45 -24.85 -14.48
CA ALA E 29 1.52 -26.03 -15.34
C ALA E 29 2.79 -26.04 -16.19
N LEU E 30 3.13 -24.89 -16.77
CA LEU E 30 4.32 -24.77 -17.60
C LEU E 30 5.58 -24.95 -16.78
N GLN E 31 5.58 -24.40 -15.57
CA GLN E 31 6.74 -24.51 -14.70
C GLN E 31 7.02 -25.97 -14.31
N PHE E 32 5.97 -26.78 -14.17
CA PHE E 32 6.10 -28.21 -13.87
C PHE E 32 6.68 -29.01 -15.04
N ALA E 33 6.11 -28.81 -16.24
CA ALA E 33 6.60 -29.48 -17.44
C ALA E 33 8.02 -29.06 -17.71
N LYS E 34 8.33 -27.83 -17.35
CA LYS E 34 9.65 -27.24 -17.44
C LYS E 34 10.65 -28.00 -16.57
N GLN E 35 10.13 -28.70 -15.56
CA GLN E 35 10.94 -29.49 -14.63
C GLN E 35 10.93 -30.98 -14.98
N GLY E 36 10.07 -31.36 -15.92
CA GLY E 36 9.89 -32.75 -16.32
C GLY E 36 8.80 -33.45 -15.52
N LYS E 37 8.08 -32.68 -14.71
CA LYS E 37 7.01 -33.21 -13.86
C LYS E 37 5.67 -33.13 -14.60
N MSE E 38 5.48 -34.07 -15.53
CA MSE E 38 4.37 -34.03 -16.48
C MSE E 38 3.00 -34.23 -15.84
O MSE E 38 2.06 -33.52 -16.16
CB MSE E 38 4.59 -35.03 -17.62
CG MSE E 38 5.83 -34.75 -18.44
SE MSE E 38 5.99 -32.87 -18.94
CE MSE E 38 7.81 -32.89 -19.64
N ALA E 39 2.90 -35.21 -14.93
CA ALA E 39 1.63 -35.52 -14.26
C ALA E 39 1.12 -34.34 -13.45
N GLU E 40 2.02 -33.63 -12.79
CA GLU E 40 1.66 -32.41 -12.05
C GLU E 40 1.17 -31.35 -13.03
N ALA E 41 1.89 -31.21 -14.14
CA ALA E 41 1.54 -30.25 -15.17
C ALA E 41 0.10 -30.45 -15.65
N ASP E 42 -0.24 -31.68 -16.00
CA ASP E 42 -1.60 -32.03 -16.43
C ASP E 42 -2.63 -31.67 -15.36
N GLU E 43 -2.38 -32.09 -14.13
CA GLU E 43 -3.24 -31.75 -13.00
C GLU E 43 -3.49 -30.24 -12.93
N ALA E 44 -2.41 -29.46 -13.07
CA ALA E 44 -2.51 -28.00 -13.06
C ALA E 44 -3.42 -27.50 -14.19
N MSE E 45 -3.30 -28.10 -15.37
CA MSE E 45 -4.13 -27.72 -16.53
C MSE E 45 -5.62 -27.96 -16.28
O MSE E 45 -6.46 -27.14 -16.67
CB MSE E 45 -3.67 -28.44 -17.80
CG MSE E 45 -2.36 -27.94 -18.38
SE MSE E 45 -2.43 -26.04 -18.84
CE MSE E 45 -3.55 -26.15 -20.44
N VAL E 46 -5.93 -29.09 -15.64
CA VAL E 46 -7.31 -29.41 -15.24
C VAL E 46 -7.82 -28.31 -14.31
N LYS E 47 -7.04 -27.98 -13.28
CA LYS E 47 -7.40 -26.93 -12.33
C LYS E 47 -7.66 -25.60 -13.04
N ALA E 48 -6.85 -25.33 -14.06
CA ALA E 48 -7.02 -24.13 -14.86
C ALA E 48 -8.34 -24.13 -15.62
N LYS E 49 -8.70 -25.30 -16.16
CA LYS E 49 -9.98 -25.44 -16.86
CA LYS E 49 -9.97 -25.49 -16.86
C LYS E 49 -11.14 -25.32 -15.89
N GLU E 50 -10.95 -25.82 -14.67
CA GLU E 50 -11.97 -25.72 -13.62
C GLU E 50 -12.22 -24.27 -13.26
N ALA E 51 -11.13 -23.51 -13.10
CA ALA E 51 -11.22 -22.11 -12.72
C ALA E 51 -11.93 -21.31 -13.81
N ILE E 52 -11.57 -21.58 -15.06
CA ILE E 52 -12.23 -20.95 -16.21
C ILE E 52 -13.73 -21.27 -16.23
N ASN E 53 -14.07 -22.51 -15.88
CA ASN E 53 -15.47 -22.93 -15.84
C ASN E 53 -16.28 -22.22 -14.75
N GLU E 54 -15.65 -21.95 -13.61
CA GLU E 54 -16.29 -21.18 -12.55
C GLU E 54 -16.59 -19.75 -13.02
N ALA E 55 -15.73 -19.24 -13.90
CA ALA E 55 -15.75 -17.83 -14.31
C ALA E 55 -16.69 -17.56 -15.48
N HIS E 56 -16.60 -18.38 -16.52
CA HIS E 56 -17.21 -18.10 -17.82
C HIS E 56 -18.67 -17.64 -17.74
N HIS E 57 -19.50 -18.43 -17.07
CA HIS E 57 -20.93 -18.15 -17.00
C HIS E 57 -21.27 -16.73 -16.53
N PHE E 58 -20.42 -16.16 -15.68
CA PHE E 58 -20.62 -14.79 -15.21
C PHE E 58 -20.67 -13.82 -16.39
N GLN E 59 -19.73 -13.96 -17.32
CA GLN E 59 -19.72 -13.12 -18.52
C GLN E 59 -20.91 -13.41 -19.44
N THR E 60 -21.23 -14.69 -19.62
CA THR E 60 -22.36 -15.09 -20.43
C THR E 60 -23.64 -14.39 -19.93
N GLU E 61 -23.85 -14.45 -18.62
CA GLU E 61 -25.05 -13.90 -17.99
C GLU E 61 -25.10 -12.39 -18.12
N LEU E 62 -23.95 -11.76 -17.97
CA LEU E 62 -23.83 -10.32 -18.13
C LEU E 62 -24.28 -9.89 -19.53
N ILE E 63 -23.84 -10.64 -20.53
CA ILE E 63 -24.21 -10.36 -21.92
C ILE E 63 -25.70 -10.65 -22.18
N GLN E 64 -26.23 -11.69 -21.55
CA GLN E 64 -27.64 -12.04 -21.67
C GLN E 64 -28.54 -10.95 -21.08
N SER E 65 -28.17 -10.47 -19.90
CA SER E 65 -28.90 -9.41 -19.22
C SER E 65 -29.03 -8.20 -20.14
N GLU E 66 -27.94 -7.90 -20.84
CA GLU E 66 -27.93 -6.83 -21.83
C GLU E 66 -28.88 -7.14 -22.99
N ALA E 67 -28.79 -8.37 -23.52
CA ALA E 67 -29.70 -8.81 -24.58
C ALA E 67 -31.15 -8.48 -24.23
N ARG E 68 -31.51 -8.78 -22.98
CA ARG E 68 -32.77 -8.32 -22.39
C ARG E 68 -32.56 -6.87 -21.98
N GLY E 69 -33.63 -6.09 -22.00
CA GLY E 69 -33.55 -4.68 -21.61
C GLY E 69 -33.35 -4.50 -20.12
N GLU E 70 -32.11 -4.61 -19.66
CA GLU E 70 -31.77 -4.47 -18.24
C GLU E 70 -30.29 -4.18 -17.97
N LYS E 71 -30.00 -3.71 -16.76
CA LYS E 71 -28.64 -3.70 -16.19
C LYS E 71 -27.62 -2.96 -17.06
N THR E 72 -26.50 -3.64 -17.31
CA THR E 72 -25.40 -3.10 -18.11
C THR E 72 -24.66 -1.85 -17.63
N GLU E 73 -24.06 -1.95 -16.47
CA GLU E 73 -23.18 -0.91 -15.95
C GLU E 73 -21.79 -1.17 -16.49
N ILE E 74 -21.42 -0.44 -17.54
CA ILE E 74 -20.13 -0.63 -18.17
C ILE E 74 -19.11 0.29 -17.51
N SER E 75 -18.06 -0.33 -16.96
CA SER E 75 -17.00 0.37 -16.25
C SER E 75 -15.65 -0.15 -16.70
N VAL E 76 -14.58 0.53 -16.30
CA VAL E 76 -13.23 0.08 -16.55
C VAL E 76 -12.99 -1.30 -15.95
N LEU E 77 -13.51 -1.52 -14.74
CA LEU E 77 -13.34 -2.79 -14.03
C LEU E 77 -13.97 -3.96 -14.79
N LEU E 78 -15.15 -3.74 -15.37
CA LEU E 78 -15.80 -4.78 -16.16
C LEU E 78 -14.98 -5.08 -17.41
N ILE E 79 -14.60 -4.04 -18.14
CA ILE E 79 -13.73 -4.17 -19.31
C ILE E 79 -12.47 -4.97 -18.94
N HIS E 80 -11.80 -4.53 -17.88
CA HIS E 80 -10.64 -5.22 -17.33
C HIS E 80 -10.94 -6.69 -16.99
N ALA E 81 -12.08 -6.95 -16.34
CA ALA E 81 -12.48 -8.31 -15.97
C ALA E 81 -12.69 -9.21 -17.20
N GLN E 82 -13.31 -8.66 -18.23
CA GLN E 82 -13.52 -9.38 -19.49
C GLN E 82 -12.19 -9.69 -20.17
N ASP E 83 -11.25 -8.75 -20.14
CA ASP E 83 -9.93 -8.97 -20.72
C ASP E 83 -9.25 -10.13 -20.02
N HIS E 84 -9.32 -10.16 -18.69
CA HIS E 84 -8.70 -11.21 -17.89
C HIS E 84 -9.28 -12.59 -18.17
N LEU E 85 -10.61 -12.68 -18.29
CA LEU E 85 -11.27 -13.95 -18.61
C LEU E 85 -10.82 -14.49 -19.97
N MSE E 86 -11.00 -13.68 -21.01
CA MSE E 86 -10.62 -14.05 -22.36
C MSE E 86 -9.13 -14.35 -22.44
O MSE E 86 -8.69 -15.21 -23.21
CB MSE E 86 -11.01 -12.95 -23.35
CG MSE E 86 -12.51 -12.70 -23.45
SE MSE E 86 -13.55 -14.18 -24.18
CE MSE E 86 -13.07 -14.00 -26.06
N ASN E 87 -8.36 -13.62 -21.64
CA ASN E 87 -6.92 -13.86 -21.54
C ASN E 87 -6.60 -15.23 -20.92
N ALA E 88 -7.25 -15.55 -19.80
CA ALA E 88 -7.06 -16.85 -19.16
C ALA E 88 -7.32 -17.97 -20.15
N ILE E 89 -8.43 -17.88 -20.86
CA ILE E 89 -8.78 -18.85 -21.92
C ILE E 89 -7.65 -18.97 -22.94
N THR E 90 -7.08 -17.83 -23.35
CA THR E 90 -5.99 -17.81 -24.33
C THR E 90 -4.70 -18.40 -23.76
N VAL E 91 -4.32 -17.97 -22.56
CA VAL E 91 -3.11 -18.49 -21.88
C VAL E 91 -3.18 -20.00 -21.72
N LYS E 92 -4.34 -20.51 -21.30
CA LYS E 92 -4.54 -21.95 -21.15
C LYS E 92 -4.29 -22.66 -22.49
N GLU E 93 -5.02 -22.27 -23.52
CA GLU E 93 -4.91 -22.86 -24.85
C GLU E 93 -3.45 -22.96 -25.33
N LEU E 94 -2.69 -21.88 -25.13
CA LEU E 94 -1.29 -21.86 -25.55
C LEU E 94 -0.36 -22.61 -24.61
N ALA E 95 -0.68 -22.59 -23.31
CA ALA E 95 0.08 -23.36 -22.34
C ALA E 95 0.08 -24.85 -22.70
N ALA E 96 -1.07 -25.33 -23.15
CA ALA E 96 -1.18 -26.70 -23.63
C ALA E 96 -0.15 -26.99 -24.73
N GLU E 97 0.03 -26.04 -25.64
CA GLU E 97 0.99 -26.22 -26.74
C GLU E 97 2.42 -26.20 -26.21
N PHE E 98 2.69 -25.34 -25.22
CA PHE E 98 3.99 -25.38 -24.55
C PHE E 98 4.21 -26.75 -23.92
N ILE E 99 3.20 -27.27 -23.24
CA ILE E 99 3.28 -28.59 -22.61
C ILE E 99 3.58 -29.66 -23.66
N ASP E 100 2.79 -29.68 -24.74
CA ASP E 100 3.03 -30.60 -25.85
C ASP E 100 4.48 -30.56 -26.29
N LEU E 101 4.98 -29.35 -26.53
CA LEU E 101 6.34 -29.16 -27.02
C LEU E 101 7.37 -29.80 -26.09
N TYR E 102 7.22 -29.58 -24.78
CA TYR E 102 8.11 -30.19 -23.80
C TYR E 102 8.04 -31.71 -23.82
N LYS E 103 6.83 -32.26 -23.96
CA LYS E 103 6.63 -33.70 -24.01
C LYS E 103 7.28 -34.34 -25.25
N LYS E 104 7.16 -33.66 -26.39
CA LYS E 104 7.87 -34.11 -27.60
C LYS E 104 9.37 -34.18 -27.36
N LEU E 105 9.93 -33.12 -26.76
CA LEU E 105 11.36 -33.02 -26.52
C LEU E 105 11.87 -34.11 -25.59
N GLU E 106 11.08 -34.43 -24.56
CA GLU E 106 11.41 -35.49 -23.62
C GLU E 106 11.41 -36.87 -24.29
N ALA E 107 10.66 -36.98 -25.38
CA ALA E 107 10.49 -38.23 -26.11
C ALA E 107 11.64 -38.55 -27.07
N LYS E 108 12.66 -37.70 -27.10
CA LYS E 108 13.82 -37.90 -27.97
C LYS E 108 15.16 -37.62 -27.28
N GLY E 109 15.16 -37.65 -25.94
CA GLY E 109 16.37 -37.50 -25.14
C GLY E 109 17.25 -36.31 -25.49
N THR F 6 -28.65 0.40 -39.20
CA THR F 6 -27.49 0.42 -38.26
C THR F 6 -27.83 -0.27 -36.92
N THR F 7 -28.01 -1.58 -36.98
CA THR F 7 -28.25 -2.40 -35.79
C THR F 7 -27.04 -2.40 -34.86
N ALA F 8 -27.30 -2.52 -33.56
CA ALA F 8 -26.23 -2.50 -32.55
C ALA F 8 -25.37 -3.77 -32.57
N GLU F 9 -25.99 -4.90 -32.90
CA GLU F 9 -25.32 -6.21 -32.86
C GLU F 9 -24.51 -6.53 -34.12
N GLN F 10 -24.82 -5.84 -35.22
CA GLN F 10 -24.24 -6.18 -36.53
C GLN F 10 -22.71 -6.32 -36.52
N ILE F 11 -22.00 -5.28 -36.09
CA ILE F 11 -20.54 -5.30 -36.14
C ILE F 11 -19.96 -6.34 -35.17
N PRO F 12 -20.44 -6.34 -33.91
CA PRO F 12 -20.02 -7.37 -32.98
C PRO F 12 -20.11 -8.78 -33.58
N PHE F 13 -21.24 -9.12 -34.19
CA PHE F 13 -21.43 -10.45 -34.78
C PHE F 13 -20.40 -10.78 -35.84
N GLN F 14 -20.21 -9.84 -36.77
CA GLN F 14 -19.22 -9.94 -37.83
C GLN F 14 -17.84 -10.16 -37.23
N LEU F 15 -17.50 -9.30 -36.26
CA LEU F 15 -16.22 -9.35 -35.55
C LEU F 15 -15.99 -10.72 -34.92
N ILE F 16 -17.01 -11.22 -34.24
CA ILE F 16 -16.92 -12.46 -33.49
C ILE F 16 -16.79 -13.67 -34.40
N LEU F 17 -17.52 -13.67 -35.51
CA LEU F 17 -17.45 -14.79 -36.46
C LEU F 17 -16.08 -14.86 -37.14
N ASN F 18 -15.63 -13.74 -37.72
CA ASN F 18 -14.35 -13.68 -38.41
C ASN F 18 -13.17 -13.94 -37.47
N SER F 19 -13.25 -13.36 -36.28
CA SER F 19 -12.21 -13.54 -35.26
C SER F 19 -12.13 -15.00 -34.81
N GLY F 20 -13.29 -15.59 -34.52
CA GLY F 20 -13.37 -16.99 -34.10
C GLY F 20 -12.78 -17.92 -35.14
N ASN F 21 -13.13 -17.70 -36.40
CA ASN F 21 -12.58 -18.51 -37.51
C ASN F 21 -11.08 -18.32 -37.70
N ALA F 22 -10.61 -17.08 -37.53
CA ALA F 22 -9.18 -16.77 -37.58
C ALA F 22 -8.42 -17.53 -36.50
N ARG F 23 -8.92 -17.45 -35.27
CA ARG F 23 -8.37 -18.21 -34.15
C ARG F 23 -8.31 -19.70 -34.50
N SER F 24 -9.40 -20.27 -34.99
CA SER F 24 -9.42 -21.67 -35.36
C SER F 24 -8.32 -21.99 -36.36
N PHE F 25 -8.28 -21.25 -37.46
CA PHE F 25 -7.26 -21.43 -38.49
C PHE F 25 -5.87 -21.40 -37.91
N ALA F 26 -5.62 -20.45 -37.00
CA ALA F 26 -4.29 -20.31 -36.41
C ALA F 26 -3.93 -21.55 -35.61
N MSE F 27 -4.90 -22.08 -34.87
CA MSE F 27 -4.70 -23.30 -34.09
C MSE F 27 -4.62 -24.54 -34.97
O MSE F 27 -4.01 -25.54 -34.57
CB MSE F 27 -5.77 -23.45 -33.02
CG MSE F 27 -5.67 -22.41 -31.89
SE MSE F 27 -3.90 -22.35 -31.04
CE MSE F 27 -3.94 -24.09 -30.13
N GLU F 28 -5.23 -24.48 -36.16
CA GLU F 28 -5.14 -25.54 -37.14
C GLU F 28 -3.73 -25.60 -37.74
N ALA F 29 -3.18 -24.43 -38.02
CA ALA F 29 -1.82 -24.31 -38.54
C ALA F 29 -0.86 -24.95 -37.55
N LEU F 30 -1.05 -24.64 -36.27
CA LEU F 30 -0.22 -25.19 -35.21
C LEU F 30 -0.33 -26.72 -35.16
N GLN F 31 -1.55 -27.23 -35.23
CA GLN F 31 -1.80 -28.67 -35.24
CA GLN F 31 -1.76 -28.67 -35.22
C GLN F 31 -1.08 -29.33 -36.41
N PHE F 32 -1.23 -28.76 -37.60
CA PHE F 32 -0.57 -29.27 -38.81
C PHE F 32 0.95 -29.33 -38.66
N ALA F 33 1.54 -28.22 -38.24
CA ALA F 33 2.99 -28.14 -38.03
C ALA F 33 3.46 -29.21 -37.06
N LYS F 34 2.63 -29.49 -36.06
CA LYS F 34 2.91 -30.51 -35.06
C LYS F 34 2.91 -31.91 -35.68
N GLN F 35 2.03 -32.13 -36.65
CA GLN F 35 1.99 -33.38 -37.40
C GLN F 35 3.07 -33.44 -38.49
N GLY F 36 3.84 -32.36 -38.62
CA GLY F 36 4.91 -32.27 -39.61
C GLY F 36 4.46 -31.82 -41.00
N LYS F 37 3.21 -31.40 -41.09
CA LYS F 37 2.61 -30.99 -42.37
C LYS F 37 2.77 -29.48 -42.59
N MSE F 38 3.97 -29.08 -43.03
CA MSE F 38 4.34 -27.66 -43.06
C MSE F 38 3.62 -26.85 -44.14
O MSE F 38 3.30 -25.68 -43.92
CB MSE F 38 5.87 -27.49 -43.18
CG MSE F 38 6.66 -28.07 -42.01
SE MSE F 38 5.95 -27.58 -40.24
CE MSE F 38 7.18 -28.62 -39.13
N ALA F 39 3.38 -27.47 -45.29
CA ALA F 39 2.64 -26.82 -46.37
C ALA F 39 1.22 -26.49 -45.91
N GLU F 40 0.57 -27.46 -45.30
CA GLU F 40 -0.78 -27.27 -44.77
C GLU F 40 -0.79 -26.19 -43.68
N ALA F 41 0.24 -26.20 -42.83
CA ALA F 41 0.38 -25.19 -41.77
C ALA F 41 0.46 -23.78 -42.36
N ASP F 42 1.30 -23.61 -43.40
CA ASP F 42 1.45 -22.31 -44.05
C ASP F 42 0.15 -21.85 -44.68
N GLU F 43 -0.62 -22.79 -45.21
CA GLU F 43 -1.90 -22.49 -45.85
C GLU F 43 -2.91 -21.98 -44.83
N ALA F 44 -2.96 -22.62 -43.67
CA ALA F 44 -3.89 -22.24 -42.60
C ALA F 44 -3.59 -20.86 -42.03
N MSE F 45 -2.30 -20.56 -41.85
CA MSE F 45 -1.86 -19.22 -41.40
C MSE F 45 -2.30 -18.10 -42.35
O MSE F 45 -2.73 -17.04 -41.89
CB MSE F 45 -0.35 -19.18 -41.18
CG MSE F 45 0.11 -19.87 -39.91
SE MSE F 45 -0.66 -19.07 -38.28
CE MSE F 45 0.34 -17.39 -38.27
N VAL F 46 -2.23 -18.36 -43.65
CA VAL F 46 -2.77 -17.44 -44.65
C VAL F 46 -4.28 -17.24 -44.45
N LYS F 47 -5.00 -18.33 -44.22
CA LYS F 47 -6.42 -18.26 -43.93
C LYS F 47 -6.70 -17.47 -42.65
N ALA F 48 -5.82 -17.61 -41.65
CA ALA F 48 -5.94 -16.86 -40.42
C ALA F 48 -5.77 -15.36 -40.70
N LYS F 49 -4.72 -15.02 -41.43
CA LYS F 49 -4.44 -13.64 -41.82
C LYS F 49 -5.65 -13.02 -42.54
N GLU F 50 -6.18 -13.74 -43.52
CA GLU F 50 -7.37 -13.32 -44.27
C GLU F 50 -8.57 -13.09 -43.35
N ALA F 51 -8.85 -14.05 -42.48
CA ALA F 51 -9.98 -13.94 -41.56
C ALA F 51 -9.80 -12.75 -40.62
N ILE F 52 -8.57 -12.55 -40.16
CA ILE F 52 -8.26 -11.45 -39.26
C ILE F 52 -8.41 -10.10 -39.95
N ASN F 53 -8.02 -10.06 -41.22
CA ASN F 53 -8.15 -8.84 -42.02
C ASN F 53 -9.60 -8.37 -42.08
N GLU F 54 -10.52 -9.31 -42.31
CA GLU F 54 -11.96 -9.04 -42.31
C GLU F 54 -12.37 -8.36 -41.01
N ALA F 55 -11.96 -8.94 -39.88
CA ALA F 55 -12.34 -8.44 -38.57
C ALA F 55 -11.66 -7.11 -38.25
N HIS F 56 -10.36 -7.06 -38.54
CA HIS F 56 -9.52 -5.90 -38.27
C HIS F 56 -10.10 -4.65 -38.94
N HIS F 57 -10.65 -4.82 -40.13
CA HIS F 57 -11.25 -3.72 -40.89
C HIS F 57 -12.42 -3.07 -40.12
N PHE F 58 -13.24 -3.89 -39.45
CA PHE F 58 -14.34 -3.37 -38.64
C PHE F 58 -13.85 -2.51 -37.46
N GLN F 59 -12.80 -2.97 -36.78
CA GLN F 59 -12.30 -2.27 -35.60
C GLN F 59 -11.67 -0.92 -35.97
N THR F 60 -10.89 -0.90 -37.05
CA THR F 60 -10.29 0.33 -37.54
C THR F 60 -11.35 1.39 -37.84
N GLU F 61 -12.46 0.97 -38.45
CA GLU F 61 -13.58 1.88 -38.72
C GLU F 61 -14.16 2.39 -37.41
N LEU F 62 -14.29 1.48 -36.46
CA LEU F 62 -14.81 1.77 -35.14
C LEU F 62 -13.97 2.85 -34.43
N ILE F 63 -12.66 2.66 -34.40
CA ILE F 63 -11.75 3.61 -33.77
C ILE F 63 -11.74 4.93 -34.51
N GLN F 64 -11.67 4.86 -35.83
CA GLN F 64 -11.57 6.04 -36.67
C GLN F 64 -12.84 6.89 -36.63
N SER F 65 -14.00 6.25 -36.73
CA SER F 65 -15.26 6.99 -36.68
C SER F 65 -15.46 7.70 -35.33
N GLU F 66 -14.94 7.10 -34.26
CA GLU F 66 -14.92 7.76 -32.95
C GLU F 66 -13.99 8.98 -32.93
N ALA F 67 -12.81 8.85 -33.53
CA ALA F 67 -11.85 9.94 -33.61
C ALA F 67 -12.42 11.14 -34.38
N ARG F 68 -13.28 10.86 -35.37
CA ARG F 68 -13.96 11.89 -36.14
C ARG F 68 -15.05 12.61 -35.33
N GLY F 69 -15.44 12.02 -34.20
CA GLY F 69 -16.48 12.59 -33.35
C GLY F 69 -17.81 11.84 -33.46
N GLU F 70 -17.85 10.82 -34.30
CA GLU F 70 -19.04 9.99 -34.50
C GLU F 70 -19.08 8.92 -33.41
N LYS F 71 -19.82 9.22 -32.33
CA LYS F 71 -19.88 8.31 -31.19
C LYS F 71 -20.62 7.01 -31.49
N THR F 72 -20.06 5.90 -31.01
CA THR F 72 -20.66 4.59 -31.16
C THR F 72 -21.18 4.14 -29.81
N GLU F 73 -22.39 3.59 -29.78
CA GLU F 73 -22.96 3.11 -28.53
C GLU F 73 -22.17 1.89 -28.03
N ILE F 74 -21.66 2.00 -26.80
CA ILE F 74 -20.85 0.94 -26.21
C ILE F 74 -21.74 -0.09 -25.53
N SER F 75 -21.49 -1.36 -25.82
CA SER F 75 -22.21 -2.45 -25.19
C SER F 75 -21.25 -3.53 -24.73
N VAL F 76 -21.71 -4.40 -23.84
CA VAL F 76 -20.91 -5.53 -23.38
C VAL F 76 -20.57 -6.44 -24.56
N LEU F 77 -21.47 -6.53 -25.54
CA LEU F 77 -21.24 -7.36 -26.73
C LEU F 77 -20.10 -6.82 -27.59
N LEU F 78 -20.08 -5.50 -27.82
CA LEU F 78 -18.98 -4.86 -28.55
C LEU F 78 -17.65 -5.14 -27.87
N ILE F 79 -17.55 -4.77 -26.60
CA ILE F 79 -16.36 -5.05 -25.80
C ILE F 79 -15.94 -6.52 -25.97
N HIS F 80 -16.92 -7.41 -25.91
CA HIS F 80 -16.69 -8.85 -26.04
C HIS F 80 -16.18 -9.21 -27.45
N ALA F 81 -16.72 -8.53 -28.46
CA ALA F 81 -16.30 -8.74 -29.84
C ALA F 81 -14.85 -8.30 -30.05
N GLN F 82 -14.49 -7.14 -29.51
CA GLN F 82 -13.11 -6.66 -29.57
C GLN F 82 -12.14 -7.62 -28.90
N ASP F 83 -12.58 -8.25 -27.81
CA ASP F 83 -11.79 -9.28 -27.13
C ASP F 83 -11.51 -10.47 -28.05
N HIS F 84 -12.55 -10.94 -28.76
CA HIS F 84 -12.39 -12.03 -29.72
C HIS F 84 -11.32 -11.70 -30.76
N LEU F 85 -11.44 -10.52 -31.37
CA LEU F 85 -10.47 -10.09 -32.37
C LEU F 85 -9.07 -10.03 -31.79
N MSE F 86 -8.90 -9.29 -30.70
CA MSE F 86 -7.58 -9.05 -30.12
C MSE F 86 -6.92 -10.33 -29.59
O MSE F 86 -5.71 -10.49 -29.70
CB MSE F 86 -7.66 -7.97 -29.04
CG MSE F 86 -8.06 -6.60 -29.56
SE MSE F 86 -6.76 -5.88 -30.84
CE MSE F 86 -5.32 -5.43 -29.59
N ASN F 87 -7.72 -11.22 -29.03
CA ASN F 87 -7.21 -12.55 -28.65
C ASN F 87 -6.87 -13.41 -29.87
N ALA F 88 -7.66 -13.29 -30.94
CA ALA F 88 -7.36 -14.00 -32.18
C ALA F 88 -6.02 -13.52 -32.76
N ILE F 89 -5.77 -12.22 -32.65
CA ILE F 89 -4.48 -11.64 -33.06
C ILE F 89 -3.32 -12.14 -32.20
N THR F 90 -3.53 -12.19 -30.89
CA THR F 90 -2.54 -12.73 -29.96
C THR F 90 -2.24 -14.20 -30.31
N VAL F 91 -3.30 -14.98 -30.49
CA VAL F 91 -3.15 -16.40 -30.80
C VAL F 91 -2.38 -16.61 -32.11
N LYS F 92 -2.76 -15.86 -33.15
CA LYS F 92 -2.05 -15.92 -34.42
C LYS F 92 -0.57 -15.55 -34.27
N GLU F 93 -0.30 -14.44 -33.58
CA GLU F 93 1.08 -13.99 -33.33
C GLU F 93 1.93 -15.12 -32.74
N LEU F 94 1.38 -15.78 -31.72
CA LEU F 94 2.14 -16.76 -30.96
C LEU F 94 2.12 -18.13 -31.59
N ALA F 95 1.06 -18.43 -32.34
CA ALA F 95 1.03 -19.66 -33.13
C ALA F 95 2.17 -19.65 -34.16
N ALA F 96 2.40 -18.48 -34.76
CA ALA F 96 3.46 -18.32 -35.75
C ALA F 96 4.81 -18.70 -35.14
N GLU F 97 4.99 -18.32 -33.87
CA GLU F 97 6.23 -18.63 -33.15
C GLU F 97 6.37 -20.13 -32.87
N PHE F 98 5.27 -20.77 -32.47
CA PHE F 98 5.25 -22.23 -32.34
C PHE F 98 5.58 -22.92 -33.66
N ILE F 99 4.99 -22.42 -34.75
CA ILE F 99 5.24 -23.00 -36.06
C ILE F 99 6.72 -22.88 -36.40
N ASP F 100 7.31 -21.72 -36.12
CA ASP F 100 8.73 -21.48 -36.33
C ASP F 100 9.59 -22.46 -35.54
N LEU F 101 9.19 -22.77 -34.31
CA LEU F 101 9.89 -23.76 -33.50
C LEU F 101 9.83 -25.18 -34.08
N TYR F 102 8.67 -25.58 -34.57
CA TYR F 102 8.50 -26.92 -35.14
C TYR F 102 9.34 -27.12 -36.39
N LYS F 103 9.40 -26.08 -37.23
CA LYS F 103 10.26 -26.10 -38.41
C LYS F 103 11.73 -26.24 -38.01
N LYS F 104 12.12 -25.54 -36.95
CA LYS F 104 13.49 -25.62 -36.40
C LYS F 104 13.86 -27.04 -35.98
N LEU F 105 12.98 -27.69 -35.21
CA LEU F 105 13.22 -29.06 -34.74
C LEU F 105 13.30 -30.04 -35.91
N GLU F 106 12.39 -29.90 -36.89
CA GLU F 106 12.39 -30.73 -38.09
C GLU F 106 13.70 -30.61 -38.86
N ALA F 107 14.41 -29.50 -38.65
CA ALA F 107 15.66 -29.24 -39.34
C ALA F 107 16.87 -29.81 -38.59
N LYS F 108 16.76 -29.90 -37.27
CA LYS F 108 17.87 -30.34 -36.42
C LYS F 108 17.42 -31.37 -35.39
N GLY F 109 18.05 -32.54 -35.42
CA GLY F 109 17.72 -33.63 -34.51
C GLY F 109 16.55 -34.46 -34.99
N MSE G 4 22.22 11.69 40.47
CA MSE G 4 20.98 12.46 40.79
C MSE G 4 19.80 12.12 39.89
O MSE G 4 18.77 11.64 40.36
CB MSE G 4 21.26 13.96 40.75
CG MSE G 4 21.46 14.60 42.13
SE MSE G 4 19.83 14.54 43.21
CE MSE G 4 18.70 15.74 42.17
N MSE G 5 19.97 12.35 38.58
CA MSE G 5 18.93 12.07 37.60
C MSE G 5 19.32 10.93 36.67
O MSE G 5 20.43 10.91 36.13
CB MSE G 5 18.63 13.31 36.76
CG MSE G 5 17.40 14.09 37.21
SE MSE G 5 16.79 15.35 35.84
CE MSE G 5 16.43 14.09 34.39
N THR G 6 18.40 9.98 36.50
CA THR G 6 18.55 8.93 35.51
C THR G 6 18.26 9.54 34.14
N THR G 7 18.61 8.83 33.07
CA THR G 7 18.27 9.27 31.73
C THR G 7 16.76 9.19 31.57
N ALA G 8 16.15 8.10 32.03
CA ALA G 8 14.70 7.94 32.04
C ALA G 8 14.01 9.16 32.66
N GLU G 9 14.54 9.62 33.79
CA GLU G 9 14.02 10.83 34.44
C GLU G 9 14.19 12.07 33.56
N GLN G 10 15.12 12.00 32.62
CA GLN G 10 15.39 13.10 31.70
C GLN G 10 14.45 13.13 30.48
N ILE G 11 13.71 12.04 30.25
CA ILE G 11 12.87 11.95 29.07
C ILE G 11 11.94 13.16 28.92
N PRO G 12 11.25 13.57 29.99
CA PRO G 12 10.37 14.74 29.87
C PRO G 12 11.09 15.98 29.36
N PHE G 13 12.29 16.24 29.88
CA PHE G 13 13.09 17.39 29.46
C PHE G 13 13.45 17.29 27.97
N GLN G 14 13.90 16.11 27.56
CA GLN G 14 14.30 15.85 26.17
C GLN G 14 13.12 15.94 25.21
N LEU G 15 11.96 15.46 25.65
CA LEU G 15 10.72 15.58 24.89
C LEU G 15 10.36 17.04 24.64
N ILE G 16 10.44 17.85 25.68
CA ILE G 16 10.12 19.26 25.58
C ILE G 16 11.07 19.98 24.63
N LEU G 17 12.38 19.78 24.81
CA LEU G 17 13.38 20.42 23.94
C LEU G 17 13.14 20.13 22.46
N ASN G 18 13.05 18.85 22.09
CA ASN G 18 12.95 18.45 20.70
C ASN G 18 11.59 18.72 20.06
N SER G 19 10.52 18.55 20.83
CA SER G 19 9.19 18.94 20.37
C SER G 19 9.15 20.44 20.13
N GLY G 20 9.69 21.20 21.08
CA GLY G 20 9.78 22.65 20.96
C GLY G 20 10.44 23.07 19.65
N ASN G 21 11.55 22.41 19.33
CA ASN G 21 12.28 22.69 18.09
C ASN G 21 11.46 22.35 16.86
N ALA G 22 10.79 21.20 16.92
CA ALA G 22 9.92 20.76 15.83
C ALA G 22 8.83 21.78 15.53
N ARG G 23 8.25 22.37 16.59
CA ARG G 23 7.19 23.36 16.44
C ARG G 23 7.73 24.66 15.87
N SER G 24 8.86 25.12 16.40
CA SER G 24 9.53 26.33 15.90
C SER G 24 9.86 26.21 14.42
N PHE G 25 10.39 25.06 14.01
CA PHE G 25 10.74 24.82 12.62
C PHE G 25 9.50 24.83 11.73
N ALA G 26 8.44 24.18 12.18
CA ALA G 26 7.19 24.14 11.42
C ALA G 26 6.61 25.54 11.25
N MSE G 27 6.58 26.32 12.32
CA MSE G 27 6.05 27.69 12.27
C MSE G 27 6.93 28.59 11.41
O MSE G 27 6.42 29.36 10.60
CB MSE G 27 5.87 28.27 13.69
CG MSE G 27 4.80 27.55 14.55
SE MSE G 27 3.03 27.38 13.68
CE MSE G 27 2.47 29.26 13.72
N GLU G 28 8.25 28.48 11.58
CA GLU G 28 9.21 29.19 10.73
C GLU G 28 8.97 28.84 9.25
N ALA G 29 8.60 27.60 8.99
CA ALA G 29 8.31 27.14 7.63
C ALA G 29 7.10 27.88 7.08
N LEU G 30 6.02 27.90 7.85
CA LEU G 30 4.79 28.59 7.48
C LEU G 30 5.04 30.07 7.19
N GLN G 31 5.92 30.68 7.98
CA GLN G 31 6.25 32.09 7.80
C GLN G 31 7.04 32.32 6.51
N PHE G 32 7.82 31.33 6.09
CA PHE G 32 8.52 31.36 4.81
C PHE G 32 7.52 31.28 3.66
N ALA G 33 6.55 30.37 3.79
CA ALA G 33 5.51 30.20 2.78
C ALA G 33 4.70 31.49 2.61
N LYS G 34 4.45 32.16 3.73
CA LYS G 34 3.72 33.43 3.75
C LYS G 34 4.51 34.51 3.00
N GLN G 35 5.83 34.51 3.19
CA GLN G 35 6.71 35.45 2.49
C GLN G 35 6.93 35.01 1.05
N GLY G 36 6.48 33.81 0.72
CA GLY G 36 6.62 33.25 -0.63
C GLY G 36 7.98 32.61 -0.85
N LYS G 37 8.71 32.37 0.23
CA LYS G 37 10.02 31.73 0.15
C LYS G 37 9.87 30.22 0.33
N MSE G 38 9.53 29.55 -0.77
CA MSE G 38 9.08 28.16 -0.75
C MSE G 38 10.18 27.14 -0.45
O MSE G 38 9.99 26.24 0.37
CB MSE G 38 8.38 27.81 -2.07
CG MSE G 38 7.05 28.55 -2.29
SE MSE G 38 5.86 28.48 -0.72
CE MSE G 38 4.42 29.63 -1.36
N ALA G 39 11.33 27.28 -1.12
CA ALA G 39 12.47 26.41 -0.87
C ALA G 39 12.86 26.45 0.61
N GLU G 40 12.83 27.66 1.18
CA GLU G 40 13.16 27.86 2.60
C GLU G 40 12.12 27.22 3.50
N ALA G 41 10.85 27.28 3.07
CA ALA G 41 9.76 26.63 3.77
C ALA G 41 9.98 25.12 3.81
N ASP G 42 10.09 24.52 2.63
CA ASP G 42 10.37 23.09 2.50
C ASP G 42 11.56 22.65 3.36
N GLU G 43 12.64 23.41 3.28
CA GLU G 43 13.84 23.15 4.08
C GLU G 43 13.53 23.16 5.58
N ALA G 44 12.71 24.12 6.03
CA ALA G 44 12.33 24.22 7.44
C ALA G 44 11.49 23.01 7.85
N MSE G 45 10.65 22.54 6.93
CA MSE G 45 9.84 21.36 7.17
C MSE G 45 10.69 20.11 7.31
O MSE G 45 10.36 19.21 8.06
CB MSE G 45 8.78 21.19 6.08
CG MSE G 45 7.60 22.16 6.20
SE MSE G 45 6.55 21.97 7.87
CE MSE G 45 5.90 20.15 7.62
N VAL G 46 11.82 20.07 6.60
CA VAL G 46 12.76 18.95 6.74
C VAL G 46 13.33 18.91 8.16
N LYS G 47 13.72 20.06 8.68
CA LYS G 47 14.29 20.15 10.04
C LYS G 47 13.25 19.85 11.12
N ALA G 48 11.98 20.20 10.83
CA ALA G 48 10.86 19.88 11.68
C ALA G 48 10.67 18.37 11.80
N LYS G 49 10.71 17.68 10.66
CA LYS G 49 10.56 16.24 10.61
C LYS G 49 11.69 15.53 11.38
N GLU G 50 12.91 16.05 11.24
CA GLU G 50 14.02 15.44 11.96
CA GLU G 50 14.08 15.51 11.95
C GLU G 50 13.95 15.71 13.46
N ALA G 51 13.40 16.86 13.86
CA ALA G 51 13.24 17.15 15.28
C ALA G 51 12.17 16.25 15.92
N ILE G 52 11.02 16.12 15.25
CA ILE G 52 10.00 15.15 15.64
C ILE G 52 10.65 13.78 15.79
N ASN G 53 11.50 13.42 14.83
CA ASN G 53 12.18 12.14 14.85
C ASN G 53 13.09 11.98 16.07
N GLU G 54 13.80 13.05 16.42
CA GLU G 54 14.61 13.07 17.64
C GLU G 54 13.77 12.98 18.93
N ALA G 55 12.58 13.57 18.90
CA ALA G 55 11.63 13.45 20.02
C ALA G 55 11.15 12.01 20.17
N HIS G 56 10.84 11.37 19.03
CA HIS G 56 10.35 9.99 19.01
C HIS G 56 11.36 9.00 19.58
N HIS G 57 12.64 9.33 19.56
CA HIS G 57 13.66 8.49 20.19
C HIS G 57 13.45 8.36 21.69
N PHE G 58 12.90 9.40 22.30
CA PHE G 58 12.61 9.40 23.74
C PHE G 58 11.21 8.88 24.05
N GLN G 59 10.27 9.18 23.16
CA GLN G 59 8.87 8.77 23.31
C GLN G 59 8.70 7.25 23.19
N THR G 60 9.37 6.65 22.20
CA THR G 60 9.30 5.21 22.02
C THR G 60 9.86 4.51 23.26
N GLU G 61 10.97 5.03 23.78
CA GLU G 61 11.57 4.45 24.97
C GLU G 61 10.61 4.52 26.15
N LEU G 62 10.02 5.70 26.36
CA LEU G 62 9.05 5.87 27.42
C LEU G 62 7.91 4.85 27.31
N ILE G 63 7.30 4.78 26.13
CA ILE G 63 6.15 3.90 25.90
C ILE G 63 6.54 2.43 26.05
N GLN G 64 7.70 2.06 25.51
CA GLN G 64 8.17 0.68 25.61
C GLN G 64 8.52 0.30 27.04
N SER G 65 9.15 1.22 27.78
CA SER G 65 9.53 0.95 29.17
C SER G 65 8.32 0.54 30.00
N GLU G 66 7.21 1.26 29.82
CA GLU G 66 5.95 0.92 30.48
C GLU G 66 5.41 -0.41 29.96
N ALA G 67 5.42 -0.58 28.64
CA ALA G 67 5.05 -1.85 28.02
C ALA G 67 5.84 -3.03 28.62
N ARG G 68 7.15 -2.82 28.84
CA ARG G 68 8.03 -3.83 29.43
C ARG G 68 7.65 -4.18 30.87
N GLY G 69 6.90 -3.28 31.50
CA GLY G 69 6.47 -3.47 32.88
C GLY G 69 7.28 -2.67 33.88
N GLU G 70 8.00 -1.67 33.39
CA GLU G 70 8.71 -0.72 34.25
C GLU G 70 7.76 0.42 34.61
N LYS G 71 7.81 0.86 35.87
CA LYS G 71 6.93 1.90 36.33
C LYS G 71 7.62 3.26 36.24
N THR G 72 7.01 4.18 35.51
CA THR G 72 7.45 5.56 35.48
C THR G 72 6.57 6.36 36.44
N GLU G 73 7.18 7.22 37.24
N GLU G 73 7.21 7.22 37.22
CA GLU G 73 6.43 8.08 38.15
CA GLU G 73 6.51 8.15 38.10
C GLU G 73 5.82 9.25 37.39
C GLU G 73 5.80 9.20 37.24
N ILE G 74 4.49 9.33 37.42
CA ILE G 74 3.75 10.35 36.69
C ILE G 74 3.94 11.73 37.33
N SER G 75 4.44 12.67 36.53
CA SER G 75 4.65 14.02 36.99
C SER G 75 3.92 14.97 36.06
N VAL G 76 3.70 16.20 36.53
CA VAL G 76 3.19 17.26 35.68
C VAL G 76 4.10 17.46 34.47
N LEU G 77 5.42 17.47 34.71
CA LEU G 77 6.39 17.69 33.63
C LEU G 77 6.29 16.64 32.52
N LEU G 78 6.10 15.37 32.90
CA LEU G 78 5.91 14.31 31.91
C LEU G 78 4.63 14.51 31.12
N ILE G 79 3.54 14.83 31.83
CA ILE G 79 2.25 15.10 31.21
C ILE G 79 2.40 16.27 30.25
N HIS G 80 3.06 17.32 30.72
CA HIS G 80 3.35 18.49 29.90
C HIS G 80 4.22 18.13 28.68
N ALA G 81 5.25 17.30 28.90
CA ALA G 81 6.13 16.87 27.80
C ALA G 81 5.37 16.07 26.76
N GLN G 82 4.42 15.26 27.21
CA GLN G 82 3.60 14.46 26.30
C GLN G 82 2.72 15.39 25.44
N ASP G 83 2.15 16.41 26.07
CA ASP G 83 1.33 17.40 25.37
C ASP G 83 2.13 18.11 24.29
N HIS G 84 3.34 18.53 24.63
CA HIS G 84 4.21 19.23 23.68
C HIS G 84 4.56 18.40 22.46
N LEU G 85 4.88 17.12 22.68
CA LEU G 85 5.21 16.22 21.58
C LEU G 85 4.03 16.07 20.63
N MSE G 86 2.87 15.72 21.17
CA MSE G 86 1.68 15.47 20.38
C MSE G 86 1.21 16.73 19.66
O MSE G 86 0.70 16.67 18.55
CB MSE G 86 0.56 14.86 21.23
CG MSE G 86 0.87 13.45 21.72
SE MSE G 86 1.02 12.13 20.28
CE MSE G 86 -0.89 11.80 20.00
N ASN G 87 1.37 17.86 20.33
CA ASN G 87 1.10 19.15 19.75
C ASN G 87 2.03 19.52 18.58
N ALA G 88 3.31 19.22 18.72
CA ALA G 88 4.30 19.42 17.68
C ALA G 88 3.93 18.63 16.42
N ILE G 89 3.57 17.37 16.61
CA ILE G 89 3.10 16.51 15.51
C ILE G 89 1.92 17.14 14.80
N THR G 90 0.99 17.71 15.58
CA THR G 90 -0.21 18.33 15.02
C THR G 90 0.07 19.64 14.31
N VAL G 91 0.92 20.48 14.90
CA VAL G 91 1.27 21.76 14.30
C VAL G 91 2.00 21.52 12.97
N LYS G 92 2.92 20.56 12.96
CA LYS G 92 3.64 20.21 11.75
C LYS G 92 2.69 19.71 10.67
N GLU G 93 1.80 18.79 11.04
CA GLU G 93 0.87 18.21 10.08
C GLU G 93 -0.01 19.28 9.42
N LEU G 94 -0.44 20.26 10.23
CA LEU G 94 -1.33 21.31 9.74
C LEU G 94 -0.58 22.43 9.01
N ALA G 95 0.63 22.72 9.47
CA ALA G 95 1.50 23.70 8.81
C ALA G 95 1.71 23.29 7.35
N ALA G 96 1.95 21.99 7.15
CA ALA G 96 2.07 21.43 5.82
C ALA G 96 0.87 21.82 4.96
N GLU G 97 -0.32 21.75 5.55
CA GLU G 97 -1.55 22.10 4.84
C GLU G 97 -1.65 23.60 4.55
N PHE G 98 -1.16 24.42 5.49
CA PHE G 98 -1.06 25.85 5.28
C PHE G 98 -0.12 26.17 4.12
N ILE G 99 1.05 25.52 4.13
CA ILE G 99 2.07 25.70 3.11
C ILE G 99 1.56 25.25 1.74
N ASP G 100 0.98 24.05 1.69
CA ASP G 100 0.44 23.52 0.45
C ASP G 100 -0.56 24.50 -0.14
N LEU G 101 -1.33 25.15 0.74
CA LEU G 101 -2.33 26.11 0.34
C LEU G 101 -1.71 27.38 -0.23
N TYR G 102 -0.71 27.92 0.47
CA TYR G 102 0.00 29.11 -0.01
C TYR G 102 0.62 28.91 -1.39
N LYS G 103 1.09 27.69 -1.66
CA LYS G 103 1.64 27.35 -2.97
C LYS G 103 0.54 27.42 -4.02
N LYS G 104 -0.60 26.76 -3.74
CA LYS G 104 -1.74 26.77 -4.65
C LYS G 104 -2.13 28.20 -5.05
N LEU G 105 -2.24 29.09 -4.08
CA LEU G 105 -2.62 30.48 -4.33
C LEU G 105 -1.63 31.23 -5.22
N GLU G 106 -0.34 31.02 -4.99
N GLU G 106 -0.34 31.01 -5.01
CA GLU G 106 0.73 31.66 -5.77
CA GLU G 106 0.71 31.68 -5.79
C GLU G 106 0.73 31.18 -7.23
C GLU G 106 0.86 31.15 -7.22
N ALA G 107 0.52 29.88 -7.42
CA ALA G 107 0.47 29.29 -8.76
C ALA G 107 -0.57 30.02 -9.62
N LYS G 108 -1.33 30.91 -8.96
CA LYS G 108 -2.33 31.75 -9.61
C LYS G 108 -1.91 33.22 -9.60
N GLY G 109 -2.20 33.92 -10.69
CA GLY G 109 -1.88 35.34 -10.80
C GLY G 109 -2.83 36.08 -11.74
N MSE H 5 -11.45 22.75 48.87
CA MSE H 5 -10.43 22.69 47.77
C MSE H 5 -9.23 23.57 48.08
O MSE H 5 -9.39 24.71 48.50
CB MSE H 5 -11.06 23.11 46.43
CG MSE H 5 -12.09 22.15 45.86
SE MSE H 5 -12.67 22.64 44.04
CE MSE H 5 -11.00 22.29 43.09
N THR H 6 -8.03 23.03 47.86
CA THR H 6 -6.80 23.79 48.01
C THR H 6 -6.54 24.67 46.77
N THR H 7 -5.83 25.77 46.97
CA THR H 7 -5.47 26.67 45.87
C THR H 7 -4.82 25.87 44.71
N ALA H 8 -4.33 24.68 45.03
CA ALA H 8 -3.75 23.77 44.04
C ALA H 8 -4.77 22.78 43.47
N GLU H 9 -5.78 22.44 44.28
CA GLU H 9 -6.86 21.53 43.86
C GLU H 9 -7.90 22.24 42.97
N GLN H 10 -7.77 23.56 42.86
CA GLN H 10 -8.68 24.36 42.07
C GLN H 10 -8.13 24.56 40.66
N ILE H 11 -6.83 24.31 40.51
CA ILE H 11 -6.09 24.59 39.28
C ILE H 11 -6.75 23.97 38.03
N PRO H 12 -7.16 22.70 38.09
CA PRO H 12 -7.75 22.10 36.90
C PRO H 12 -9.04 22.80 36.49
N PHE H 13 -9.89 23.13 37.45
CA PHE H 13 -11.11 23.87 37.16
C PHE H 13 -10.80 25.25 36.58
N GLN H 14 -9.78 25.90 37.14
CA GLN H 14 -9.34 27.21 36.67
C GLN H 14 -8.70 27.12 35.27
N LEU H 15 -7.91 26.08 35.04
CA LEU H 15 -7.29 25.89 33.73
C LEU H 15 -8.32 25.67 32.63
N ILE H 16 -9.31 24.84 32.92
CA ILE H 16 -10.37 24.54 31.95
C ILE H 16 -11.21 25.78 31.61
N LEU H 17 -11.49 26.61 32.61
CA LEU H 17 -12.27 27.84 32.40
C LEU H 17 -11.53 28.82 31.49
N ASN H 18 -10.31 29.20 31.88
CA ASN H 18 -9.52 30.14 31.10
C ASN H 18 -9.12 29.58 29.74
N SER H 19 -8.78 28.30 29.69
CA SER H 19 -8.46 27.62 28.43
C SER H 19 -9.68 27.60 27.50
N GLY H 20 -10.84 27.29 28.08
CA GLY H 20 -12.08 27.21 27.32
C GLY H 20 -12.46 28.54 26.70
N ASN H 21 -12.31 29.61 27.48
CA ASN H 21 -12.55 30.97 26.99
C ASN H 21 -11.56 31.38 25.89
N ALA H 22 -10.28 31.07 26.09
CA ALA H 22 -9.25 31.38 25.10
C ALA H 22 -9.59 30.74 23.75
N ARG H 23 -9.97 29.47 23.79
CA ARG H 23 -10.35 28.75 22.58
CA ARG H 23 -10.35 28.76 22.57
C ARG H 23 -11.58 29.39 21.94
N SER H 24 -12.55 29.77 22.76
CA SER H 24 -13.78 30.42 22.30
C SER H 24 -13.46 31.75 21.62
N PHE H 25 -12.62 32.56 22.26
CA PHE H 25 -12.19 33.82 21.66
C PHE H 25 -11.53 33.58 20.30
N ALA H 26 -10.67 32.57 20.23
CA ALA H 26 -9.97 32.22 18.98
C ALA H 26 -10.93 31.78 17.88
N MSE H 27 -11.87 30.90 18.22
CA MSE H 27 -12.87 30.45 17.25
C MSE H 27 -13.84 31.57 16.90
O MSE H 27 -14.33 31.63 15.77
CB MSE H 27 -13.61 29.20 17.74
CG MSE H 27 -12.75 27.96 17.85
SE MSE H 27 -11.83 27.45 16.19
CE MSE H 27 -13.36 26.92 15.11
N GLU H 28 -14.10 32.46 17.85
CA GLU H 28 -14.94 33.61 17.58
C GLU H 28 -14.23 34.52 16.58
N ALA H 29 -12.93 34.69 16.78
CA ALA H 29 -12.09 35.45 15.86
C ALA H 29 -12.12 34.88 14.43
N LEU H 30 -11.98 33.57 14.32
CA LEU H 30 -11.95 32.90 13.01
C LEU H 30 -13.28 33.06 12.27
N GLN H 31 -14.39 32.91 12.99
CA GLN H 31 -15.72 33.09 12.41
CA GLN H 31 -15.72 33.10 12.42
C GLN H 31 -15.88 34.52 11.89
N PHE H 32 -15.34 35.48 12.64
CA PHE H 32 -15.37 36.89 12.26
C PHE H 32 -14.60 37.14 10.97
N ALA H 33 -13.37 36.63 10.91
CA ALA H 33 -12.53 36.76 9.71
C ALA H 33 -13.20 36.12 8.50
N LYS H 34 -13.89 35.01 8.74
CA LYS H 34 -14.62 34.28 7.71
C LYS H 34 -15.69 35.17 7.06
N GLN H 35 -16.25 36.08 7.84
CA GLN H 35 -17.30 36.98 7.38
C GLN H 35 -16.73 38.31 6.87
N GLY H 36 -15.40 38.40 6.85
CA GLY H 36 -14.71 39.62 6.43
C GLY H 36 -14.65 40.69 7.51
N LYS H 37 -15.13 40.35 8.71
CA LYS H 37 -15.14 41.28 9.84
C LYS H 37 -13.77 41.29 10.52
N MSE H 38 -12.79 41.92 9.85
CA MSE H 38 -11.39 41.78 10.24
C MSE H 38 -11.04 42.47 11.57
O MSE H 38 -10.29 41.91 12.37
CB MSE H 38 -10.47 42.25 9.12
CG MSE H 38 -10.58 41.41 7.83
SE MSE H 38 -10.48 39.48 8.15
CE MSE H 38 -10.92 38.84 6.36
N ALA H 39 -11.59 43.66 11.80
CA ALA H 39 -11.33 44.40 13.03
C ALA H 39 -11.78 43.60 14.26
N GLU H 40 -12.97 43.02 14.16
CA GLU H 40 -13.55 42.21 15.22
C GLU H 40 -12.73 40.94 15.47
N ALA H 41 -12.17 40.38 14.40
CA ALA H 41 -11.35 39.18 14.49
C ALA H 41 -10.02 39.46 15.20
N ASP H 42 -9.41 40.60 14.88
CA ASP H 42 -8.17 41.03 15.51
C ASP H 42 -8.36 41.23 17.01
N GLU H 43 -9.45 41.89 17.37
CA GLU H 43 -9.78 42.16 18.77
C GLU H 43 -10.00 40.87 19.55
N ALA H 44 -10.73 39.93 18.97
CA ALA H 44 -10.99 38.65 19.64
C ALA H 44 -9.69 37.90 19.86
N MSE H 45 -8.76 38.01 18.91
CA MSE H 45 -7.45 37.39 19.03
C MSE H 45 -6.65 37.98 20.19
O MSE H 45 -5.92 37.26 20.87
CB MSE H 45 -6.66 37.50 17.72
CG MSE H 45 -7.14 36.56 16.62
SE MSE H 45 -6.95 34.67 17.11
CE MSE H 45 -5.01 34.55 17.16
N VAL H 46 -6.81 39.29 20.41
CA VAL H 46 -6.19 39.95 21.56
C VAL H 46 -6.72 39.35 22.86
N LYS H 47 -8.04 39.12 22.91
CA LYS H 47 -8.69 38.56 24.09
C LYS H 47 -8.30 37.08 24.32
N ALA H 48 -8.13 36.35 23.22
CA ALA H 48 -7.68 34.97 23.29
C ALA H 48 -6.27 34.86 23.88
N LYS H 49 -5.39 35.79 23.51
CA LYS H 49 -4.03 35.87 24.02
C LYS H 49 -4.05 36.16 25.52
N GLU H 50 -4.90 37.11 25.90
CA GLU H 50 -5.05 37.49 27.32
C GLU H 50 -5.57 36.33 28.16
N ALA H 51 -6.55 35.60 27.62
CA ALA H 51 -7.14 34.44 28.32
C ALA H 51 -6.12 33.32 28.50
N ILE H 52 -5.21 33.18 27.53
CA ILE H 52 -4.13 32.21 27.63
C ILE H 52 -3.11 32.63 28.69
N ASN H 53 -2.80 33.93 28.76
CA ASN H 53 -1.95 34.44 29.83
C ASN H 53 -2.50 34.05 31.20
N GLU H 54 -3.80 34.24 31.39
CA GLU H 54 -4.46 33.88 32.65
C GLU H 54 -4.31 32.39 32.92
N ALA H 55 -4.44 31.59 31.86
CA ALA H 55 -4.24 30.14 31.94
C ALA H 55 -2.81 29.78 32.34
N HIS H 56 -1.84 30.52 31.81
CA HIS H 56 -0.44 30.25 32.10
C HIS H 56 -0.09 30.47 33.57
N HIS H 57 -0.70 31.49 34.18
CA HIS H 57 -0.52 31.74 35.62
CA HIS H 57 -0.53 31.74 35.61
C HIS H 57 -0.62 30.42 36.39
N PHE H 58 -1.68 29.66 36.11
CA PHE H 58 -1.91 28.38 36.77
C PHE H 58 -0.91 27.29 36.34
N GLN H 59 -0.69 27.18 35.03
CA GLN H 59 0.26 26.24 34.47
C GLN H 59 1.66 26.40 35.07
N THR H 60 2.18 27.62 35.00
CA THR H 60 3.51 27.93 35.51
C THR H 60 3.64 27.61 37.00
N GLU H 61 2.67 28.04 37.79
CA GLU H 61 2.63 27.69 39.21
C GLU H 61 2.64 26.17 39.39
N LEU H 62 1.91 25.49 38.51
CA LEU H 62 1.80 24.04 38.55
C LEU H 62 3.14 23.36 38.25
N ILE H 63 3.86 23.82 37.24
CA ILE H 63 5.14 23.22 36.88
C ILE H 63 6.21 23.51 37.95
N GLN H 64 6.29 24.77 38.37
CA GLN H 64 7.31 25.19 39.32
C GLN H 64 7.07 24.57 40.69
N SER H 65 5.79 24.48 41.08
CA SER H 65 5.39 23.82 42.32
C SER H 65 6.06 22.45 42.44
N GLU H 66 6.03 21.71 41.34
CA GLU H 66 6.64 20.38 41.25
C GLU H 66 8.16 20.45 41.21
N ALA H 67 8.71 21.45 40.54
CA ALA H 67 10.16 21.60 40.42
C ALA H 67 10.83 21.92 41.76
N ARG H 68 10.14 22.70 42.60
CA ARG H 68 10.69 23.08 43.91
C ARG H 68 10.44 22.03 44.99
N GLY H 69 9.76 20.94 44.62
CA GLY H 69 9.61 19.78 45.50
C GLY H 69 8.24 19.51 46.09
N GLU H 70 7.24 20.31 45.69
CA GLU H 70 5.86 20.12 46.16
C GLU H 70 5.11 19.14 45.26
N LYS H 71 5.06 17.87 45.66
CA LYS H 71 4.42 16.83 44.86
C LYS H 71 2.94 17.13 44.61
N THR H 72 2.54 17.03 43.34
CA THR H 72 1.17 17.34 42.95
C THR H 72 0.37 16.06 42.70
N GLU H 73 -0.90 16.08 43.14
CA GLU H 73 -1.80 14.96 42.92
C GLU H 73 -2.24 14.90 41.46
N ILE H 74 -1.82 13.85 40.78
CA ILE H 74 -2.16 13.66 39.38
C ILE H 74 -3.54 13.05 39.29
N SER H 75 -4.46 13.82 38.75
CA SER H 75 -5.83 13.38 38.51
C SER H 75 -6.15 13.40 37.02
N VAL H 76 -7.20 12.67 36.65
CA VAL H 76 -7.69 12.69 35.28
C VAL H 76 -8.06 14.11 34.88
N LEU H 77 -8.71 14.83 35.81
CA LEU H 77 -9.14 16.20 35.56
C LEU H 77 -7.95 17.11 35.26
N LEU H 78 -6.85 16.93 36.00
CA LEU H 78 -5.64 17.72 35.78
C LEU H 78 -5.05 17.45 34.40
N ILE H 79 -4.96 16.17 34.04
CA ILE H 79 -4.48 15.76 32.73
C ILE H 79 -5.35 16.37 31.63
N HIS H 80 -6.67 16.22 31.79
CA HIS H 80 -7.66 16.79 30.88
C HIS H 80 -7.54 18.32 30.82
N ALA H 81 -7.33 18.93 31.98
CA ALA H 81 -7.15 20.38 32.09
C ALA H 81 -5.92 20.85 31.31
N GLN H 82 -4.81 20.12 31.45
CA GLN H 82 -3.60 20.42 30.68
C GLN H 82 -3.82 20.22 29.18
N ASP H 83 -4.63 19.23 28.82
CA ASP H 83 -5.02 19.02 27.42
C ASP H 83 -5.76 20.24 26.87
N HIS H 84 -6.75 20.74 27.60
CA HIS H 84 -7.49 21.91 27.16
C HIS H 84 -6.58 23.12 26.95
N LEU H 85 -5.64 23.35 27.86
CA LEU H 85 -4.72 24.46 27.71
C LEU H 85 -3.89 24.35 26.43
N MSE H 86 -3.28 23.18 26.23
N MSE H 86 -3.30 23.18 26.19
CA MSE H 86 -2.48 22.90 25.05
CA MSE H 86 -2.45 23.00 25.01
C MSE H 86 -3.31 23.10 23.78
C MSE H 86 -3.25 22.94 23.71
O MSE H 86 -2.86 23.76 22.84
O MSE H 86 -2.71 23.25 22.63
CB MSE H 86 -1.96 21.46 25.10
CB MSE H 86 -1.53 21.79 25.19
CG MSE H 86 -1.10 21.06 23.92
CG MSE H 86 -0.61 21.90 26.41
SE MSE H 86 0.65 21.93 23.95
SE MSE H 86 0.79 23.27 26.25
CE MSE H 86 0.29 23.45 22.76
CE MSE H 86 2.08 22.28 25.19
N ASN H 87 -4.52 22.55 23.79
CA ASN H 87 -5.45 22.67 22.67
C ASN H 87 -5.78 24.12 22.37
N ALA H 88 -6.12 24.88 23.42
CA ALA H 88 -6.41 26.30 23.28
C ALA H 88 -5.25 27.02 22.61
N ILE H 89 -4.04 26.72 23.09
CA ILE H 89 -2.84 27.39 22.63
C ILE H 89 -2.61 27.11 21.14
N THR H 90 -2.75 25.87 20.74
CA THR H 90 -2.63 25.48 19.34
C THR H 90 -3.74 26.03 18.44
N VAL H 91 -4.97 25.97 18.91
CA VAL H 91 -6.10 26.50 18.16
C VAL H 91 -5.90 28.00 17.91
N LYS H 92 -5.47 28.72 18.94
CA LYS H 92 -5.20 30.15 18.83
C LYS H 92 -4.10 30.44 17.80
N GLU H 93 -2.95 29.78 17.96
CA GLU H 93 -1.80 30.01 17.07
CA GLU H 93 -1.82 30.03 17.07
C GLU H 93 -2.18 29.73 15.62
N LEU H 94 -2.99 28.70 15.38
CA LEU H 94 -3.36 28.32 14.02
C LEU H 94 -4.55 29.12 13.47
N ALA H 95 -5.42 29.59 14.37
CA ALA H 95 -6.48 30.50 13.97
C ALA H 95 -5.88 31.77 13.39
N ALA H 96 -4.77 32.23 13.98
CA ALA H 96 -4.07 33.42 13.52
C ALA H 96 -3.63 33.26 12.07
N GLU H 97 -3.29 32.03 11.69
CA GLU H 97 -2.88 31.71 10.34
C GLU H 97 -4.07 31.69 9.39
N PHE H 98 -5.17 31.07 9.80
CA PHE H 98 -6.42 31.13 9.04
C PHE H 98 -6.83 32.58 8.76
N ILE H 99 -6.76 33.42 9.78
CA ILE H 99 -7.09 34.85 9.64
C ILE H 99 -6.21 35.53 8.57
N ASP H 100 -4.90 35.28 8.62
CA ASP H 100 -3.98 35.79 7.58
C ASP H 100 -4.36 35.34 6.17
N LEU H 101 -4.84 34.11 6.05
CA LEU H 101 -5.30 33.59 4.77
C LEU H 101 -6.59 34.29 4.32
N TYR H 102 -7.53 34.43 5.26
CA TYR H 102 -8.76 35.15 4.95
C TYR H 102 -8.48 36.61 4.57
N LYS H 103 -7.54 37.23 5.27
CA LYS H 103 -7.10 38.59 4.95
C LYS H 103 -6.47 38.65 3.55
N LYS H 104 -5.49 37.79 3.31
CA LYS H 104 -4.82 37.71 2.01
C LYS H 104 -5.82 37.53 0.85
N LEU H 105 -6.80 36.66 1.05
CA LEU H 105 -7.83 36.40 0.03
C LEU H 105 -8.68 37.62 -0.29
N GLU H 106 -8.90 38.49 0.69
CA GLU H 106 -9.69 39.71 0.48
C GLU H 106 -8.97 40.71 -0.43
N ALA H 107 -7.70 40.98 -0.15
CA ALA H 107 -6.89 41.84 -0.99
C ALA H 107 -6.49 41.14 -2.29
N LYS H 108 -7.31 41.33 -3.33
CA LYS H 108 -6.96 40.87 -4.68
C LYS H 108 -6.43 39.45 -4.76
N GLY H 109 -7.12 38.49 -4.14
CA GLY H 109 -6.62 37.12 -3.98
C GLY H 109 -7.34 36.11 -4.85
N THR I 6 -5.07 -5.56 33.35
CA THR I 6 -6.41 -5.25 33.91
C THR I 6 -7.48 -5.15 32.82
N THR I 7 -8.74 -4.98 33.24
CA THR I 7 -9.87 -4.85 32.32
C THR I 7 -10.07 -3.41 31.83
N ALA I 8 -9.80 -2.45 32.70
CA ALA I 8 -9.83 -1.03 32.35
C ALA I 8 -8.50 -0.58 31.74
N GLU I 9 -7.51 -1.47 31.79
CA GLU I 9 -6.21 -1.25 31.18
C GLU I 9 -6.32 -1.19 29.64
N GLN I 10 -7.46 -1.63 29.13
N GLN I 10 -7.45 -1.66 29.12
CA GLN I 10 -7.68 -1.72 27.69
CA GLN I 10 -7.67 -1.69 27.67
C GLN I 10 -8.39 -0.49 27.10
C GLN I 10 -8.24 -0.39 27.12
N ILE I 11 -8.97 0.34 27.96
CA ILE I 11 -9.62 1.59 27.51
C ILE I 11 -8.64 2.48 26.74
N PRO I 12 -7.44 2.70 27.28
CA PRO I 12 -6.42 3.48 26.57
C PRO I 12 -6.19 3.00 25.13
N PHE I 13 -6.07 1.69 24.94
CA PHE I 13 -5.88 1.11 23.62
C PHE I 13 -7.03 1.42 22.68
N GLN I 14 -8.26 1.31 23.18
CA GLN I 14 -9.45 1.61 22.39
C GLN I 14 -9.54 3.09 22.03
N LEU I 15 -9.16 3.94 22.99
CA LEU I 15 -9.09 5.39 22.77
C LEU I 15 -8.14 5.74 21.64
N ILE I 16 -6.94 5.16 21.68
CA ILE I 16 -5.92 5.43 20.66
C ILE I 16 -6.38 4.98 19.27
N LEU I 17 -6.96 3.79 19.18
CA LEU I 17 -7.39 3.23 17.90
C LEU I 17 -8.46 4.11 17.24
N ASN I 18 -9.56 4.34 17.96
CA ASN I 18 -10.63 5.18 17.44
C ASN I 18 -10.21 6.61 17.14
N SER I 19 -9.34 7.18 17.97
CA SER I 19 -8.85 8.55 17.75
C SER I 19 -7.98 8.62 16.51
N GLY I 20 -6.97 7.75 16.44
CA GLY I 20 -6.05 7.70 15.30
C GLY I 20 -6.81 7.60 14.00
N ASN I 21 -7.74 6.66 13.94
CA ASN I 21 -8.55 6.44 12.74
C ASN I 21 -9.40 7.65 12.39
N ALA I 22 -9.94 8.33 13.40
CA ALA I 22 -10.76 9.52 13.22
C ALA I 22 -9.91 10.67 12.68
N ARG I 23 -8.68 10.76 13.19
CA ARG I 23 -7.70 11.74 12.70
C ARG I 23 -7.37 11.48 11.23
N SER I 24 -7.16 10.21 10.87
CA SER I 24 -6.90 9.82 9.49
C SER I 24 -8.07 10.16 8.58
N PHE I 25 -9.30 9.94 9.08
CA PHE I 25 -10.49 10.30 8.29
C PHE I 25 -10.54 11.80 8.00
N ALA I 26 -10.28 12.60 9.03
CA ALA I 26 -10.29 14.06 8.90
C ALA I 26 -9.28 14.54 7.87
N MSE I 27 -8.07 13.97 7.92
CA MSE I 27 -7.03 14.30 6.96
C MSE I 27 -7.38 13.81 5.55
O MSE I 27 -7.02 14.44 4.56
CB MSE I 27 -5.67 13.76 7.40
CG MSE I 27 -5.11 14.43 8.66
SE MSE I 27 -5.10 16.41 8.61
CE MSE I 27 -3.81 16.67 7.16
N GLU I 28 -8.07 12.67 5.47
CA GLU I 28 -8.62 12.18 4.21
C GLU I 28 -9.57 13.20 3.60
N ALA I 29 -10.50 13.70 4.41
CA ALA I 29 -11.48 14.69 3.96
C ALA I 29 -10.79 15.95 3.45
N LEU I 30 -9.78 16.41 4.20
CA LEU I 30 -9.05 17.62 3.85
C LEU I 30 -8.39 17.49 2.48
N GLN I 31 -7.81 16.32 2.21
CA GLN I 31 -7.16 16.04 0.93
C GLN I 31 -8.17 16.01 -0.22
N PHE I 32 -9.33 15.43 0.03
CA PHE I 32 -10.41 15.41 -0.96
C PHE I 32 -10.79 16.84 -1.35
N ALA I 33 -11.08 17.67 -0.36
CA ALA I 33 -11.44 19.07 -0.56
C ALA I 33 -10.39 19.81 -1.37
N LYS I 34 -9.12 19.56 -1.05
CA LYS I 34 -7.99 20.10 -1.80
C LYS I 34 -8.06 19.72 -3.29
N GLN I 35 -8.45 18.48 -3.57
CA GLN I 35 -8.57 18.00 -4.94
C GLN I 35 -9.93 18.32 -5.57
N GLY I 36 -10.80 18.99 -4.80
CA GLY I 36 -12.09 19.41 -5.30
C GLY I 36 -13.19 18.36 -5.27
N LYS I 37 -12.99 17.33 -4.45
CA LYS I 37 -13.98 16.26 -4.28
C LYS I 37 -14.79 16.49 -2.99
N MSE I 38 -15.74 17.42 -3.08
CA MSE I 38 -16.46 17.92 -1.91
C MSE I 38 -17.39 16.89 -1.27
O MSE I 38 -17.37 16.74 -0.04
CB MSE I 38 -17.21 19.21 -2.25
CG MSE I 38 -16.30 20.36 -2.72
SE MSE I 38 -14.70 20.62 -1.61
CE MSE I 38 -13.81 21.98 -2.69
N ALA I 39 -18.16 16.19 -2.08
CA ALA I 39 -19.04 15.12 -1.59
C ALA I 39 -18.25 14.05 -0.84
N GLU I 40 -17.11 13.66 -1.41
N GLU I 40 -17.11 13.65 -1.41
CA GLU I 40 -16.23 12.67 -0.82
CA GLU I 40 -16.24 12.66 -0.79
C GLU I 40 -15.63 13.20 0.49
C GLU I 40 -15.64 13.20 0.50
N ALA I 41 -15.29 14.49 0.50
CA ALA I 41 -14.76 15.16 1.68
C ALA I 41 -15.78 15.16 2.81
N ASP I 42 -17.03 15.54 2.48
CA ASP I 42 -18.12 15.52 3.45
C ASP I 42 -18.32 14.12 4.03
N GLU I 43 -18.17 13.11 3.18
CA GLU I 43 -18.32 11.71 3.57
C GLU I 43 -17.19 11.28 4.52
N ALA I 44 -15.97 11.75 4.26
CA ALA I 44 -14.84 11.46 5.13
C ALA I 44 -15.04 12.07 6.51
N MSE I 45 -15.60 13.28 6.56
CA MSE I 45 -15.88 13.97 7.82
C MSE I 45 -16.95 13.26 8.63
O MSE I 45 -16.89 13.26 9.87
CB MSE I 45 -16.28 15.44 7.57
CG MSE I 45 -15.13 16.36 7.23
SE MSE I 45 -13.75 16.49 8.64
CE MSE I 45 -14.82 17.30 10.06
N VAL I 46 -17.93 12.68 7.95
CA VAL I 46 -18.98 11.92 8.62
C VAL I 46 -18.33 10.76 9.37
N LYS I 47 -17.44 10.04 8.69
CA LYS I 47 -16.73 8.92 9.30
CA LYS I 47 -16.70 8.92 9.28
C LYS I 47 -15.84 9.40 10.45
N ALA I 48 -15.13 10.50 10.24
CA ALA I 48 -14.31 11.09 11.30
C ALA I 48 -15.14 11.38 12.54
N LYS I 49 -16.31 11.98 12.34
CA LYS I 49 -17.23 12.31 13.41
C LYS I 49 -17.71 11.04 14.13
N GLU I 50 -18.07 10.02 13.35
CA GLU I 50 -18.55 8.76 13.92
C GLU I 50 -17.44 8.09 14.74
N ALA I 51 -16.21 8.14 14.22
CA ALA I 51 -15.04 7.61 14.92
C ALA I 51 -14.70 8.40 16.17
N ILE I 52 -14.69 9.73 16.07
CA ILE I 52 -14.46 10.60 17.22
C ILE I 52 -15.46 10.30 18.34
N ASN I 53 -16.71 10.03 17.97
CA ASN I 53 -17.75 9.73 18.95
C ASN I 53 -17.42 8.53 19.83
N GLU I 54 -16.89 7.46 19.21
CA GLU I 54 -16.48 6.25 19.94
C GLU I 54 -15.42 6.61 20.98
N ALA I 55 -14.39 7.33 20.54
CA ALA I 55 -13.31 7.74 21.42
C ALA I 55 -13.83 8.68 22.50
N HIS I 56 -14.62 9.67 22.08
CA HIS I 56 -15.17 10.68 23.00
C HIS I 56 -15.98 10.04 24.13
N HIS I 57 -16.71 8.97 23.81
CA HIS I 57 -17.49 8.22 24.80
C HIS I 57 -16.64 7.64 25.93
N PHE I 58 -15.48 7.10 25.60
CA PHE I 58 -14.57 6.57 26.61
C PHE I 58 -14.11 7.69 27.55
N GLN I 59 -13.90 8.89 27.01
CA GLN I 59 -13.41 10.01 27.80
C GLN I 59 -14.45 10.53 28.79
N THR I 60 -15.68 10.73 28.32
CA THR I 60 -16.77 11.19 29.17
C THR I 60 -16.95 10.26 30.39
N GLU I 61 -16.87 8.95 30.17
CA GLU I 61 -16.95 7.97 31.25
C GLU I 61 -15.78 8.12 32.22
N LEU I 62 -14.58 8.33 31.66
CA LEU I 62 -13.38 8.52 32.45
C LEU I 62 -13.48 9.79 33.30
N ILE I 63 -13.89 10.89 32.67
CA ILE I 63 -14.03 12.15 33.39
C ILE I 63 -15.15 12.09 34.44
N GLN I 64 -16.30 11.54 34.07
CA GLN I 64 -17.43 11.45 35.01
C GLN I 64 -17.13 10.53 36.19
N SER I 65 -16.45 9.40 35.91
CA SER I 65 -16.02 8.49 36.97
C SER I 65 -15.24 9.24 38.05
N GLU I 66 -14.26 10.03 37.63
CA GLU I 66 -13.50 10.86 38.55
C GLU I 66 -14.37 11.87 39.30
N ALA I 67 -15.27 12.53 38.57
CA ALA I 67 -16.21 13.48 39.18
C ALA I 67 -16.98 12.83 40.32
N ARG I 68 -17.27 11.53 40.16
CA ARG I 68 -17.97 10.76 41.19
C ARG I 68 -17.07 10.48 42.40
N GLY I 69 -15.75 10.58 42.19
CA GLY I 69 -14.78 10.22 43.21
C GLY I 69 -14.15 8.86 42.98
N GLU I 70 -14.48 8.24 41.85
CA GLU I 70 -13.91 6.95 41.46
C GLU I 70 -12.52 7.17 40.86
N LYS I 71 -11.50 6.67 41.55
CA LYS I 71 -10.11 6.86 41.15
CA LYS I 71 -10.13 6.87 41.12
C LYS I 71 -9.68 5.80 40.13
N THR I 72 -9.04 6.25 39.05
CA THR I 72 -8.49 5.37 38.04
C THR I 72 -6.97 5.45 38.09
N GLU I 73 -6.31 4.31 37.88
CA GLU I 73 -4.86 4.25 37.89
C GLU I 73 -4.31 5.04 36.69
N ILE I 74 -3.44 6.00 36.98
CA ILE I 74 -2.86 6.85 35.95
C ILE I 74 -1.63 6.18 35.35
N SER I 75 -1.66 6.00 34.04
CA SER I 75 -0.55 5.41 33.31
C SER I 75 -0.07 6.37 32.22
N VAL I 76 1.14 6.13 31.74
CA VAL I 76 1.63 6.84 30.55
C VAL I 76 0.67 6.61 29.39
N LEU I 77 0.21 5.37 29.23
CA LEU I 77 -0.67 5.01 28.13
C LEU I 77 -2.00 5.75 28.18
N LEU I 78 -2.58 5.86 29.37
CA LEU I 78 -3.82 6.64 29.56
C LEU I 78 -3.62 8.12 29.24
N ILE I 79 -2.54 8.70 29.75
CA ILE I 79 -2.17 10.07 29.41
C ILE I 79 -2.03 10.21 27.88
N HIS I 80 -1.38 9.24 27.24
CA HIS I 80 -1.12 9.25 25.79
C HIS I 80 -2.41 9.08 25.00
N ALA I 81 -3.33 8.27 25.50
CA ALA I 81 -4.62 8.05 24.88
C ALA I 81 -5.45 9.33 24.86
N GLN I 82 -5.46 10.05 25.98
CA GLN I 82 -6.15 11.33 26.04
C GLN I 82 -5.56 12.29 25.00
N ASP I 83 -4.22 12.31 24.87
CA ASP I 83 -3.54 13.15 23.89
C ASP I 83 -4.00 12.85 22.47
N HIS I 84 -4.17 11.57 22.14
CA HIS I 84 -4.59 11.17 20.80
C HIS I 84 -5.97 11.69 20.49
N LEU I 85 -6.89 11.53 21.45
CA LEU I 85 -8.27 12.00 21.29
C LEU I 85 -8.31 13.51 21.13
N MSE I 86 -7.67 14.21 22.06
CA MSE I 86 -7.72 15.67 22.07
C MSE I 86 -7.10 16.27 20.80
O MSE I 86 -7.66 17.19 20.22
CB MSE I 86 -7.07 16.23 23.34
CG MSE I 86 -7.80 15.84 24.63
SE MSE I 86 -9.60 16.63 24.72
CE MSE I 86 -9.07 18.52 24.63
N ASN I 87 -5.96 15.72 20.37
CA ASN I 87 -5.36 16.14 19.11
C ASN I 87 -6.22 15.77 17.90
N ALA I 88 -6.87 14.61 17.94
CA ALA I 88 -7.81 14.21 16.90
C ALA I 88 -8.96 15.21 16.80
N ILE I 89 -9.42 15.71 17.95
CA ILE I 89 -10.49 16.70 17.98
C ILE I 89 -10.02 18.03 17.39
N THR I 90 -8.76 18.39 17.67
CA THR I 90 -8.19 19.64 17.16
C THR I 90 -7.99 19.57 15.65
N VAL I 91 -7.47 18.44 15.18
CA VAL I 91 -7.24 18.21 13.75
C VAL I 91 -8.55 18.22 12.99
N LYS I 92 -9.54 17.50 13.51
CA LYS I 92 -10.87 17.44 12.90
C LYS I 92 -11.49 18.83 12.77
N GLU I 93 -11.41 19.60 13.84
CA GLU I 93 -11.95 20.96 13.87
C GLU I 93 -11.25 21.90 12.87
N LEU I 94 -9.91 21.84 12.82
CA LEU I 94 -9.13 22.70 11.93
C LEU I 94 -9.18 22.25 10.47
N ALA I 95 -9.34 20.95 10.25
CA ALA I 95 -9.55 20.41 8.92
C ALA I 95 -10.87 20.91 8.36
N ALA I 96 -11.87 21.00 9.23
CA ALA I 96 -13.17 21.58 8.87
C ALA I 96 -13.01 23.00 8.34
N GLU I 97 -12.02 23.72 8.87
CA GLU I 97 -11.74 25.10 8.46
C GLU I 97 -10.98 25.13 7.14
N PHE I 98 -10.17 24.10 6.89
CA PHE I 98 -9.49 23.95 5.60
C PHE I 98 -10.47 23.63 4.47
N ILE I 99 -11.42 22.75 4.77
CA ILE I 99 -12.46 22.35 3.81
C ILE I 99 -13.30 23.57 3.40
N ASP I 100 -13.77 24.34 4.38
CA ASP I 100 -14.53 25.56 4.13
C ASP I 100 -13.73 26.52 3.28
N LEU I 101 -12.43 26.60 3.55
CA LEU I 101 -11.52 27.48 2.84
C LEU I 101 -11.37 27.05 1.38
N TYR I 102 -11.31 25.74 1.16
CA TYR I 102 -11.30 25.19 -0.20
C TYR I 102 -12.65 25.36 -0.90
N LYS I 103 -13.74 25.26 -0.14
CA LYS I 103 -15.08 25.51 -0.68
C LYS I 103 -15.26 26.98 -1.10
N LYS I 104 -14.84 27.90 -0.23
CA LYS I 104 -14.87 29.33 -0.57
C LYS I 104 -14.03 29.58 -1.83
N LEU I 105 -12.86 28.94 -1.89
CA LEU I 105 -11.90 29.15 -2.95
C LEU I 105 -12.37 28.61 -4.30
N GLU I 106 -13.21 27.59 -4.27
CA GLU I 106 -13.74 26.97 -5.49
C GLU I 106 -14.85 27.81 -6.12
N ALA I 107 -15.79 28.26 -5.30
CA ALA I 107 -16.90 29.11 -5.76
C ALA I 107 -16.36 30.41 -6.37
N LYS I 108 -15.35 30.99 -5.73
CA LYS I 108 -14.69 32.19 -6.23
C LYS I 108 -14.24 32.03 -7.69
N GLY I 109 -13.70 30.85 -8.01
CA GLY I 109 -13.19 30.55 -9.34
C GLY I 109 -11.68 30.40 -9.37
NA NA J . 25.15 -6.31 4.73
NA NA K . 9.63 -24.10 -9.71
NA NA L . -12.84 -18.67 3.18
MG MG M . -0.67 -11.38 7.52
NA NA N . 20.62 -2.81 -4.95
CL CL O . -3.21 4.36 7.53
NA NA P . 20.65 3.56 4.23
CL CL Q . 17.04 4.73 24.83
NA NA R . 8.44 -22.52 -21.56
NA NA S . 9.28 5.14 -14.44
MG MG T . -11.11 -6.11 -23.84
NA NA U . -14.45 -7.19 -42.86
NA NA V . 9.55 -19.14 -32.31
NA NA W . 2.78 -27.76 -29.44
NA NA X . -4.02 22.52 2.57
MG MG Y . -2.24 15.40 27.47
NA NA Z . -2.65 39.27 31.11
CL CL AA . -9.30 23.97 24.77
NA NA BA . -11.99 28.32 7.68
NA NA CA . -23.24 9.21 11.14
#